data_7S2M
#
_entry.id   7S2M
#
_cell.length_a   50.087
_cell.length_b   50.087
_cell.length_c   583.049
_cell.angle_alpha   90.000
_cell.angle_beta   90.000
_cell.angle_gamma   120.000
#
_symmetry.space_group_name_H-M   'P 31 1 2'
#
loop_
_entity.id
_entity.type
_entity.pdbx_description
1 polymer Sul3
2 non-polymer 6-HYDROXYMETHYLPTERIN
3 water water
#
_entity_poly.entity_id   1
_entity_poly.type   'polypeptide(L)'
_entity_poly.pdbx_seq_one_letter_code
;QGMSKIFGIVNITTDSFSDGGLYLDTDKAIEHALHLVEDGADVIDLGAASSNPDTTEVGVVEEIKRLKPVIKALKEKGIS
ISVDTFKPEVQSFCIEQKVDFINDIQGFPYPEIYSGLAKSDCKLVLMHSVQRIGAATKVETNPEEVFTSMMEFFKERIAA
LVEAGVKRERIILDPGMGFFLGSNPETSILVLKRFPEIQEAFNLQVMIAVSRKSFLGKITGTDVKSRLAPTLAAEMYAYK
KGADYLRTHDVKSLSDALKISKALG
;
_entity_poly.pdbx_strand_id   A,B,C
#
# COMPACT_ATOMS: atom_id res chain seq x y z
N GLN A 1 0.69 -12.55 17.41
CA GLN A 1 1.03 -11.62 18.48
C GLN A 1 -0.17 -10.79 18.91
N GLY A 2 -0.97 -11.34 19.82
CA GLY A 2 -2.05 -10.59 20.43
C GLY A 2 -3.33 -10.60 19.61
N MET A 3 -4.23 -9.70 20.01
CA MET A 3 -5.56 -9.62 19.41
C MET A 3 -5.52 -8.83 18.11
N SER A 4 -6.64 -8.89 17.39
CA SER A 4 -6.85 -8.13 16.16
C SER A 4 -8.30 -8.24 15.72
N LYS A 5 -8.97 -7.11 15.53
CA LYS A 5 -10.34 -7.12 15.05
C LYS A 5 -10.36 -7.15 13.53
N ILE A 6 -11.41 -7.75 12.97
CA ILE A 6 -11.52 -7.97 11.53
C ILE A 6 -12.72 -7.19 11.02
N PHE A 7 -12.48 -6.30 10.07
CA PHE A 7 -13.54 -5.53 9.44
C PHE A 7 -14.03 -6.27 8.20
N GLY A 8 -15.29 -6.69 8.22
CA GLY A 8 -15.89 -7.34 7.06
C GLY A 8 -16.41 -6.35 6.05
N ILE A 9 -15.84 -6.36 4.85
CA ILE A 9 -16.20 -5.39 3.82
C ILE A 9 -17.50 -5.83 3.15
N VAL A 10 -18.48 -4.93 3.12
CA VAL A 10 -19.77 -5.18 2.49
C VAL A 10 -20.07 -3.95 1.64
N ASN A 11 -19.85 -4.06 0.33
CA ASN A 11 -20.18 -2.98 -0.61
C ASN A 11 -21.64 -3.14 -1.00
N ILE A 12 -22.50 -2.33 -0.38
CA ILE A 12 -23.94 -2.42 -0.64
C ILE A 12 -24.24 -2.14 -2.11
N THR A 13 -23.48 -1.22 -2.71
CA THR A 13 -23.65 -0.94 -4.14
C THR A 13 -23.21 -2.12 -4.99
N THR A 14 -22.16 -2.83 -4.56
CA THR A 14 -21.71 -4.01 -5.31
C THR A 14 -22.64 -5.19 -5.07
N ASP A 15 -23.15 -5.35 -3.85
CA ASP A 15 -24.09 -6.42 -3.57
C ASP A 15 -25.46 -6.18 -4.19
N SER A 16 -25.74 -4.96 -4.66
CA SER A 16 -26.95 -4.63 -5.37
C SER A 16 -26.63 -4.18 -6.80
N PHE A 17 -25.62 -4.83 -7.39
CA PHE A 17 -25.00 -4.34 -8.62
C PHE A 17 -25.86 -4.48 -9.86
N SER A 18 -25.22 -4.41 -11.03
CA SER A 18 -25.89 -4.32 -12.32
C SER A 18 -25.64 -5.60 -13.11
N ASP A 19 -26.55 -6.57 -12.96
CA ASP A 19 -26.69 -7.67 -13.91
C ASP A 19 -27.71 -7.34 -14.98
N GLY A 20 -28.08 -6.06 -15.12
CA GLY A 20 -29.18 -5.64 -15.94
C GLY A 20 -30.23 -4.93 -15.11
N GLY A 21 -29.78 -4.00 -14.27
CA GLY A 21 -30.63 -3.34 -13.30
C GLY A 21 -29.84 -3.05 -12.05
N LEU A 22 -30.09 -1.91 -11.40
CA LEU A 22 -29.20 -1.41 -10.36
C LEU A 22 -29.93 -1.16 -9.05
N TYR A 23 -29.33 -1.62 -7.96
CA TYR A 23 -29.59 -1.12 -6.61
C TYR A 23 -31.04 -1.32 -6.18
N LEU A 24 -31.59 -2.49 -6.50
CA LEU A 24 -32.89 -2.91 -5.98
C LEU A 24 -32.82 -4.18 -5.15
N ASP A 25 -31.69 -4.89 -5.18
CA ASP A 25 -31.51 -6.10 -4.37
C ASP A 25 -30.91 -5.71 -3.02
N THR A 26 -31.77 -5.11 -2.18
CA THR A 26 -31.33 -4.65 -0.88
C THR A 26 -31.12 -5.78 0.12
N ASP A 27 -31.49 -7.01 -0.23
CA ASP A 27 -31.32 -8.14 0.66
C ASP A 27 -30.01 -8.89 0.45
N LYS A 28 -29.41 -8.78 -0.74
CA LYS A 28 -28.12 -9.43 -0.97
C LYS A 28 -27.03 -8.83 -0.09
N ALA A 29 -27.09 -7.51 0.15
CA ALA A 29 -26.13 -6.89 1.02
C ALA A 29 -26.35 -7.29 2.48
N ILE A 30 -27.61 -7.44 2.88
CA ILE A 30 -27.91 -7.85 4.25
C ILE A 30 -27.48 -9.29 4.49
N GLU A 31 -27.67 -10.16 3.49
CA GLU A 31 -27.23 -11.54 3.63
C GLU A 31 -25.72 -11.65 3.57
N HIS A 32 -25.06 -10.80 2.77
CA HIS A 32 -23.60 -10.79 2.73
C HIS A 32 -23.01 -10.37 4.07
N ALA A 33 -23.69 -9.48 4.78
CA ALA A 33 -23.21 -9.06 6.10
C ALA A 33 -23.36 -10.18 7.12
N LEU A 34 -24.57 -10.73 7.25
CA LEU A 34 -24.79 -11.81 8.21
C LEU A 34 -23.95 -13.04 7.88
N HIS A 35 -23.65 -13.26 6.60
CA HIS A 35 -22.71 -14.31 6.22
C HIS A 35 -21.35 -14.04 6.84
N LEU A 36 -20.73 -12.92 6.43
CA LEU A 36 -19.37 -12.61 6.87
C LEU A 36 -19.20 -12.70 8.39
N VAL A 37 -20.27 -12.45 9.14
CA VAL A 37 -20.17 -12.45 10.60
C VAL A 37 -19.96 -13.86 11.13
N GLU A 38 -20.67 -14.85 10.56
CA GLU A 38 -20.44 -16.23 10.95
C GLU A 38 -19.22 -16.84 10.26
N ASP A 39 -18.45 -16.05 9.53
CA ASP A 39 -17.10 -16.45 9.12
C ASP A 39 -16.01 -15.92 10.03
N GLY A 40 -16.35 -15.02 10.97
CA GLY A 40 -15.38 -14.55 11.93
C GLY A 40 -15.15 -13.05 11.90
N ALA A 41 -16.05 -12.32 11.25
CA ALA A 41 -15.92 -10.88 11.17
C ALA A 41 -16.36 -10.22 12.47
N ASP A 42 -15.58 -9.25 12.93
CA ASP A 42 -15.90 -8.52 14.15
C ASP A 42 -16.83 -7.34 13.87
N VAL A 43 -16.52 -6.54 12.86
CA VAL A 43 -17.32 -5.39 12.47
C VAL A 43 -17.61 -5.48 10.97
N ILE A 44 -18.79 -5.05 10.57
CA ILE A 44 -19.18 -4.99 9.16
C ILE A 44 -18.92 -3.59 8.66
N ASP A 45 -18.09 -3.47 7.63
CA ASP A 45 -17.76 -2.18 7.02
C ASP A 45 -18.66 -1.98 5.82
N LEU A 46 -19.77 -1.26 6.04
CA LEU A 46 -20.73 -1.01 4.97
C LEU A 46 -20.23 0.10 4.05
N GLY A 47 -20.38 -0.12 2.75
CA GLY A 47 -20.03 0.88 1.76
C GLY A 47 -21.11 1.03 0.69
N ALA A 48 -21.77 2.18 0.66
CA ALA A 48 -22.87 2.43 -0.27
C ALA A 48 -22.57 3.58 -1.22
N ALA A 49 -21.30 3.82 -1.50
CA ALA A 49 -20.92 4.88 -2.42
C ALA A 49 -21.31 4.51 -3.85
N SER A 50 -21.60 5.53 -4.65
CA SER A 50 -21.98 5.32 -6.04
C SER A 50 -20.81 4.72 -6.82
N SER A 51 -21.13 4.06 -7.93
CA SER A 51 -20.11 3.42 -8.75
C SER A 51 -19.13 4.44 -9.32
N ASN A 52 -19.64 5.60 -9.74
CA ASN A 52 -18.83 6.67 -10.28
C ASN A 52 -18.97 7.93 -9.43
N PRO A 53 -17.98 8.83 -9.47
CA PRO A 53 -18.07 10.07 -8.70
C PRO A 53 -19.36 10.85 -8.93
N ASP A 54 -20.14 11.03 -7.86
CA ASP A 54 -21.34 11.86 -7.89
C ASP A 54 -21.31 12.77 -6.68
N THR A 55 -21.39 14.08 -6.90
CA THR A 55 -21.31 15.08 -5.85
C THR A 55 -22.47 16.06 -5.98
N THR A 56 -23.69 15.53 -5.90
CA THR A 56 -24.91 16.32 -5.85
C THR A 56 -25.68 15.92 -4.61
N GLU A 57 -26.80 16.61 -4.37
CA GLU A 57 -27.65 16.26 -3.23
C GLU A 57 -28.41 14.96 -3.47
N VAL A 58 -28.56 14.53 -4.72
CA VAL A 58 -29.25 13.28 -5.01
C VAL A 58 -28.39 12.09 -4.60
N GLY A 59 -27.08 12.16 -4.87
CA GLY A 59 -26.18 11.09 -4.46
C GLY A 59 -26.06 10.94 -2.96
N VAL A 60 -26.34 11.99 -2.20
CA VAL A 60 -26.39 11.87 -0.75
C VAL A 60 -27.59 11.01 -0.34
N VAL A 61 -28.80 11.47 -0.65
CA VAL A 61 -30.00 10.75 -0.25
C VAL A 61 -30.07 9.36 -0.88
N GLU A 62 -29.34 9.12 -1.97
CA GLU A 62 -29.26 7.77 -2.51
C GLU A 62 -28.34 6.90 -1.67
N GLU A 63 -27.30 7.48 -1.07
CA GLU A 63 -26.41 6.71 -0.21
C GLU A 63 -27.11 6.29 1.08
N ILE A 64 -27.88 7.21 1.68
CA ILE A 64 -28.64 6.87 2.87
C ILE A 64 -29.70 5.82 2.55
N LYS A 65 -30.35 5.95 1.39
CA LYS A 65 -31.40 5.00 1.02
C LYS A 65 -30.85 3.59 0.86
N ARG A 66 -29.58 3.45 0.49
CA ARG A 66 -28.96 2.13 0.42
C ARG A 66 -28.42 1.66 1.76
N LEU A 67 -28.15 2.58 2.69
CA LEU A 67 -27.68 2.22 4.01
C LEU A 67 -28.82 2.04 5.01
N LYS A 68 -29.93 2.75 4.83
CA LYS A 68 -31.01 2.73 5.81
C LYS A 68 -31.54 1.32 6.08
N PRO A 69 -31.87 0.50 5.08
CA PRO A 69 -32.34 -0.86 5.40
C PRO A 69 -31.25 -1.77 5.92
N VAL A 70 -30.02 -1.61 5.42
CA VAL A 70 -28.93 -2.50 5.84
C VAL A 70 -28.47 -2.16 7.24
N ILE A 71 -28.42 -0.87 7.57
CA ILE A 71 -28.03 -0.47 8.92
C ILE A 71 -29.07 -0.93 9.94
N LYS A 72 -30.36 -0.76 9.61
CA LYS A 72 -31.42 -1.12 10.55
C LYS A 72 -31.39 -2.62 10.86
N ALA A 73 -31.38 -3.46 9.83
CA ALA A 73 -31.46 -4.90 10.03
C ALA A 73 -30.27 -5.42 10.83
N LEU A 74 -29.07 -4.90 10.55
CA LEU A 74 -27.91 -5.34 11.30
C LEU A 74 -27.97 -4.87 12.76
N LYS A 75 -28.69 -3.79 13.03
CA LYS A 75 -28.85 -3.35 14.42
C LYS A 75 -29.75 -4.29 15.21
N GLU A 76 -30.76 -4.88 14.56
CA GLU A 76 -31.66 -5.79 15.26
C GLU A 76 -30.99 -7.08 15.68
N LYS A 77 -29.84 -7.42 15.09
CA LYS A 77 -29.15 -8.66 15.40
C LYS A 77 -27.84 -8.44 16.15
N GLY A 78 -27.65 -7.25 16.72
CA GLY A 78 -26.48 -6.95 17.52
C GLY A 78 -25.19 -7.06 16.76
N ILE A 79 -25.06 -6.31 15.67
CA ILE A 79 -23.92 -6.39 14.76
C ILE A 79 -23.20 -5.04 14.81
N SER A 80 -21.88 -5.09 15.01
CA SER A 80 -21.08 -3.88 14.97
C SER A 80 -21.04 -3.33 13.54
N ILE A 81 -21.52 -2.11 13.36
CA ILE A 81 -21.68 -1.51 12.05
C ILE A 81 -20.62 -0.43 11.87
N SER A 82 -19.97 -0.43 10.71
CA SER A 82 -19.05 0.61 10.31
C SER A 82 -19.42 1.09 8.92
N VAL A 83 -19.54 2.40 8.74
CA VAL A 83 -19.96 3.00 7.48
C VAL A 83 -18.74 3.57 6.77
N ASP A 84 -18.55 3.16 5.52
CA ASP A 84 -17.43 3.61 4.69
C ASP A 84 -17.95 4.75 3.82
N THR A 85 -17.86 5.97 4.34
CA THR A 85 -18.31 7.15 3.60
C THR A 85 -17.41 8.32 3.92
N PHE A 86 -17.34 9.26 2.97
CA PHE A 86 -16.53 10.48 3.12
C PHE A 86 -17.38 11.73 2.92
N LYS A 87 -18.70 11.60 3.00
CA LYS A 87 -19.61 12.73 2.81
C LYS A 87 -20.13 13.21 4.17
N PRO A 88 -20.08 14.51 4.45
CA PRO A 88 -20.56 15.00 5.75
C PRO A 88 -22.03 14.72 6.00
N GLU A 89 -22.88 14.85 4.98
CA GLU A 89 -24.31 14.64 5.18
C GLU A 89 -24.61 13.17 5.46
N VAL A 90 -23.86 12.26 4.82
CA VAL A 90 -24.03 10.84 5.10
C VAL A 90 -23.52 10.50 6.50
N GLN A 91 -22.40 11.13 6.90
CA GLN A 91 -21.84 10.86 8.21
C GLN A 91 -22.78 11.30 9.32
N SER A 92 -23.44 12.45 9.15
CA SER A 92 -24.40 12.92 10.15
C SER A 92 -25.57 11.95 10.29
N PHE A 93 -25.96 11.30 9.18
CA PHE A 93 -26.99 10.27 9.27
C PHE A 93 -26.51 9.05 10.05
N CYS A 94 -25.22 8.74 9.97
CA CYS A 94 -24.69 7.61 10.73
C CYS A 94 -24.58 7.93 12.21
N ILE A 95 -24.46 9.21 12.58
CA ILE A 95 -24.38 9.59 13.98
C ILE A 95 -25.72 9.38 14.67
N GLU A 96 -26.80 9.84 14.04
CA GLU A 96 -28.13 9.67 14.62
C GLU A 96 -28.61 8.22 14.56
N GLN A 97 -27.94 7.36 13.81
CA GLN A 97 -28.27 5.94 13.77
C GLN A 97 -27.49 5.12 14.79
N LYS A 98 -26.62 5.76 15.58
CA LYS A 98 -25.84 5.10 16.62
C LYS A 98 -24.95 4.01 16.04
N VAL A 99 -24.32 4.30 14.91
CA VAL A 99 -23.41 3.37 14.25
C VAL A 99 -22.09 3.35 15.00
N ASP A 100 -21.47 2.16 15.08
CA ASP A 100 -20.30 2.00 15.92
C ASP A 100 -19.08 2.76 15.38
N PHE A 101 -18.84 2.69 14.07
CA PHE A 101 -17.67 3.33 13.47
C PHE A 101 -18.09 4.13 12.25
N ILE A 102 -17.31 5.17 11.96
CA ILE A 102 -17.48 5.99 10.75
C ILE A 102 -16.14 5.99 10.03
N ASN A 103 -16.07 5.26 8.92
CA ASN A 103 -14.83 5.07 8.18
C ASN A 103 -14.74 6.15 7.10
N ASP A 104 -13.83 7.09 7.28
CA ASP A 104 -13.63 8.20 6.35
C ASP A 104 -12.26 8.03 5.70
N ILE A 105 -12.25 7.86 4.36
CA ILE A 105 -10.99 7.73 3.64
C ILE A 105 -10.37 9.07 3.30
N GLN A 106 -10.98 10.18 3.72
CA GLN A 106 -10.43 11.51 3.50
C GLN A 106 -9.90 12.16 4.77
N GLY A 107 -10.09 11.54 5.93
CA GLY A 107 -9.53 12.05 7.15
C GLY A 107 -10.30 13.15 7.83
N PHE A 108 -11.61 13.28 7.53
CA PHE A 108 -12.47 14.30 8.10
C PHE A 108 -11.89 15.68 7.88
N PRO A 109 -11.98 16.24 6.67
CA PRO A 109 -11.40 17.56 6.40
C PRO A 109 -12.36 18.74 6.49
N TYR A 110 -13.64 18.50 6.79
CA TYR A 110 -14.64 19.56 6.82
C TYR A 110 -14.98 19.90 8.25
N PRO A 111 -14.72 21.13 8.72
CA PRO A 111 -14.93 21.45 10.13
C PRO A 111 -16.39 21.60 10.54
N GLU A 112 -17.33 21.62 9.58
CA GLU A 112 -18.74 21.82 9.95
C GLU A 112 -19.28 20.61 10.70
N ILE A 113 -18.84 19.40 10.33
CA ILE A 113 -19.33 18.19 10.98
C ILE A 113 -18.61 17.88 12.28
N TYR A 114 -17.58 18.66 12.63
CA TYR A 114 -16.84 18.40 13.87
C TYR A 114 -17.74 18.52 15.08
N SER A 115 -18.75 19.40 15.03
CA SER A 115 -19.67 19.53 16.15
C SER A 115 -20.50 18.26 16.34
N GLY A 116 -21.01 17.70 15.25
CA GLY A 116 -21.77 16.46 15.34
C GLY A 116 -20.93 15.27 15.76
N LEU A 117 -19.65 15.26 15.37
CA LEU A 117 -18.78 14.16 15.75
C LEU A 117 -18.46 14.17 17.24
N ALA A 118 -18.45 15.34 17.87
CA ALA A 118 -18.11 15.43 19.28
C ALA A 118 -19.20 14.80 20.15
N LYS A 119 -20.47 15.04 19.80
CA LYS A 119 -21.58 14.48 20.58
C LYS A 119 -21.70 12.98 20.40
N SER A 120 -21.20 12.44 19.29
CA SER A 120 -21.36 11.01 19.01
C SER A 120 -20.44 10.18 19.88
N ASP A 121 -20.85 8.94 20.14
CA ASP A 121 -20.04 7.95 20.83
C ASP A 121 -19.30 7.04 19.89
N CYS A 122 -19.49 7.21 18.58
CA CYS A 122 -18.88 6.32 17.60
C CYS A 122 -17.38 6.54 17.52
N LYS A 123 -16.66 5.49 17.13
CA LYS A 123 -15.25 5.61 16.85
C LYS A 123 -15.04 6.16 15.44
N LEU A 124 -13.86 6.73 15.22
CA LEU A 124 -13.51 7.34 13.95
C LEU A 124 -12.29 6.64 13.36
N VAL A 125 -12.36 6.34 12.06
CA VAL A 125 -11.24 5.75 11.35
C VAL A 125 -10.58 6.82 10.49
N LEU A 126 -9.57 7.49 11.04
CA LEU A 126 -8.89 8.57 10.33
C LEU A 126 -7.88 7.96 9.36
N MET A 127 -8.08 8.20 8.07
CA MET A 127 -7.21 7.67 7.03
C MET A 127 -6.37 8.78 6.40
N HIS A 128 -5.14 8.44 6.05
CA HIS A 128 -4.23 9.36 5.39
C HIS A 128 -4.08 8.97 3.93
N SER A 129 -4.06 9.97 3.05
CA SER A 129 -3.88 9.77 1.62
C SER A 129 -2.79 10.70 1.12
N VAL A 130 -2.45 10.56 -0.16
CA VAL A 130 -1.32 11.25 -0.75
C VAL A 130 -1.81 12.27 -1.77
N GLN A 131 -1.05 13.36 -1.91
CA GLN A 131 -1.35 14.45 -2.85
C GLN A 131 -1.84 13.95 -4.20
N ARG A 132 -1.00 13.23 -4.93
CA ARG A 132 -1.35 12.74 -6.25
C ARG A 132 -0.71 11.38 -6.54
N GLU A 140 5.29 11.84 -7.96
CA GLU A 140 6.42 10.96 -7.72
C GLU A 140 7.17 11.35 -6.45
N THR A 141 6.56 11.12 -5.31
CA THR A 141 7.18 11.41 -4.02
C THR A 141 7.97 10.20 -3.55
N ASN A 142 9.16 10.47 -3.00
CA ASN A 142 9.99 9.39 -2.46
C ASN A 142 9.29 8.75 -1.26
N PRO A 143 9.41 7.43 -1.11
CA PRO A 143 8.68 6.77 -0.01
C PRO A 143 9.01 7.30 1.37
N GLU A 144 10.22 7.83 1.58
CA GLU A 144 10.57 8.35 2.90
C GLU A 144 9.78 9.60 3.22
N GLU A 145 9.57 10.48 2.24
CA GLU A 145 8.84 11.72 2.49
C GLU A 145 7.34 11.49 2.63
N VAL A 146 6.81 10.40 2.08
CA VAL A 146 5.40 10.09 2.29
C VAL A 146 5.14 9.74 3.75
N PHE A 147 6.08 9.03 4.38
CA PHE A 147 5.94 8.69 5.79
C PHE A 147 5.99 9.93 6.67
N THR A 148 6.88 10.87 6.36
CA THR A 148 7.01 12.07 7.18
C THR A 148 5.77 12.95 7.09
N SER A 149 5.26 13.16 5.87
CA SER A 149 4.04 13.96 5.71
C SER A 149 2.84 13.27 6.34
N MET A 150 2.84 11.93 6.35
CA MET A 150 1.76 11.20 7.03
C MET A 150 1.80 11.44 8.54
N MET A 151 3.01 11.50 9.11
CA MET A 151 3.13 11.75 10.55
C MET A 151 2.59 13.12 10.92
N GLU A 152 2.97 14.15 10.16
CA GLU A 152 2.48 15.49 10.43
C GLU A 152 0.98 15.60 10.18
N PHE A 153 0.47 14.85 9.19
CA PHE A 153 -0.96 14.91 8.88
C PHE A 153 -1.80 14.40 10.04
N PHE A 154 -1.41 13.26 10.62
CA PHE A 154 -2.11 12.75 11.79
C PHE A 154 -1.98 13.70 12.97
N LYS A 155 -0.81 14.33 13.12
CA LYS A 155 -0.59 15.24 14.25
C LYS A 155 -1.50 16.45 14.18
N GLU A 156 -1.75 16.97 12.99
CA GLU A 156 -2.59 18.16 12.84
C GLU A 156 -4.08 17.82 12.93
N ARG A 157 -4.48 16.67 12.36
CA ARG A 157 -5.90 16.34 12.30
C ARG A 157 -6.42 15.79 13.63
N ILE A 158 -5.57 15.08 14.38
CA ILE A 158 -6.00 14.61 15.70
C ILE A 158 -6.25 15.78 16.62
N ALA A 159 -5.39 16.80 16.57
CA ALA A 159 -5.56 17.97 17.43
C ALA A 159 -6.83 18.73 17.07
N ALA A 160 -7.05 18.97 15.78
CA ALA A 160 -8.24 19.67 15.35
C ALA A 160 -9.52 18.91 15.70
N LEU A 161 -9.43 17.60 15.92
CA LEU A 161 -10.61 16.84 16.30
C LEU A 161 -10.84 16.92 17.81
N VAL A 162 -9.77 16.87 18.60
CA VAL A 162 -9.92 17.04 20.05
C VAL A 162 -10.25 18.48 20.38
N GLU A 163 -9.82 19.43 19.55
CA GLU A 163 -10.19 20.82 19.74
C GLU A 163 -11.70 21.00 19.69
N ALA A 164 -12.37 20.27 18.80
CA ALA A 164 -13.82 20.39 18.65
C ALA A 164 -14.59 19.65 19.73
N GLY A 165 -13.99 18.64 20.34
CA GLY A 165 -14.67 17.92 21.40
C GLY A 165 -14.69 16.41 21.22
N VAL A 166 -13.94 15.90 20.25
CA VAL A 166 -13.83 14.47 20.02
C VAL A 166 -12.75 13.92 20.94
N LYS A 167 -13.17 13.04 21.86
CA LYS A 167 -12.21 12.46 22.79
C LYS A 167 -11.15 11.66 22.04
N ARG A 168 -9.89 11.86 22.44
CA ARG A 168 -8.76 11.30 21.70
C ARG A 168 -8.87 9.80 21.48
N GLU A 169 -9.47 9.08 22.42
CA GLU A 169 -9.46 7.62 22.38
C GLU A 169 -10.40 7.04 21.34
N ARG A 170 -11.24 7.86 20.71
CA ARG A 170 -12.15 7.37 19.67
C ARG A 170 -11.53 7.38 18.28
N ILE A 171 -10.27 7.79 18.15
CA ILE A 171 -9.64 7.97 16.86
C ILE A 171 -8.80 6.75 16.54
N ILE A 172 -9.17 6.03 15.48
CA ILE A 172 -8.38 4.94 14.93
C ILE A 172 -7.66 5.46 13.70
N LEU A 173 -6.35 5.20 13.62
CA LEU A 173 -5.52 5.75 12.56
C LEU A 173 -5.29 4.71 11.48
N ASP A 174 -5.53 5.10 10.22
CA ASP A 174 -5.24 4.27 9.06
C ASP A 174 -4.21 5.00 8.20
N PRO A 175 -3.05 4.41 7.92
CA PRO A 175 -2.02 5.12 7.15
C PRO A 175 -2.28 5.17 5.66
N GLY A 176 -3.28 4.46 5.16
CA GLY A 176 -3.48 4.36 3.72
C GLY A 176 -2.62 3.28 3.12
N MET A 177 -3.06 2.68 2.01
CA MET A 177 -2.33 1.56 1.41
C MET A 177 -2.48 1.60 -0.09
N GLY A 178 -1.42 1.21 -0.80
CA GLY A 178 -1.46 1.06 -2.23
C GLY A 178 -1.61 2.35 -3.00
N PHE A 179 -2.68 2.45 -3.80
CA PHE A 179 -2.90 3.64 -4.61
CA PHE A 179 -2.93 3.63 -4.61
C PHE A 179 -3.12 4.88 -3.76
N PHE A 180 -3.56 4.72 -2.51
CA PHE A 180 -3.70 5.87 -1.63
C PHE A 180 -2.36 6.47 -1.23
N LEU A 181 -1.27 5.73 -1.42
CA LEU A 181 0.07 6.25 -1.16
C LEU A 181 0.86 6.52 -2.43
N GLY A 182 0.26 6.26 -3.60
CA GLY A 182 0.96 6.43 -4.87
C GLY A 182 1.14 5.11 -5.59
N SER A 183 1.46 5.17 -6.88
CA SER A 183 1.68 3.95 -7.66
C SER A 183 3.02 3.30 -7.39
N ASN A 184 3.71 3.75 -6.34
CA ASN A 184 5.04 3.29 -6.00
C ASN A 184 4.94 2.18 -4.98
N PRO A 185 5.31 0.93 -5.31
CA PRO A 185 5.07 -0.18 -4.37
C PRO A 185 5.89 -0.07 -3.10
N GLU A 186 7.15 0.38 -3.20
CA GLU A 186 8.00 0.49 -2.02
C GLU A 186 7.44 1.48 -1.01
N THR A 187 6.65 2.45 -1.47
CA THR A 187 5.94 3.33 -0.53
C THR A 187 4.95 2.52 0.31
N SER A 188 4.29 1.53 -0.30
CA SER A 188 3.39 0.67 0.47
C SER A 188 4.16 -0.31 1.33
N ILE A 189 5.34 -0.75 0.89
CA ILE A 189 6.15 -1.65 1.70
C ILE A 189 6.68 -0.93 2.93
N LEU A 190 7.14 0.31 2.76
CA LEU A 190 7.68 1.08 3.87
C LEU A 190 6.64 1.27 4.97
N VAL A 191 5.43 1.63 4.58
CA VAL A 191 4.36 1.83 5.57
C VAL A 191 3.99 0.51 6.24
N LEU A 192 4.04 -0.59 5.49
CA LEU A 192 3.63 -1.88 6.05
C LEU A 192 4.64 -2.41 7.06
N LYS A 193 5.92 -2.08 6.89
CA LYS A 193 6.96 -2.56 7.81
C LYS A 193 7.38 -1.50 8.82
N ARG A 194 6.72 -0.33 8.83
CA ARG A 194 7.06 0.73 9.78
C ARG A 194 5.82 1.32 10.43
N PHE A 195 4.66 0.68 10.30
CA PHE A 195 3.43 1.19 10.92
C PHE A 195 3.38 1.01 12.44
N PRO A 196 4.14 0.08 13.06
CA PRO A 196 4.20 0.11 14.53
C PRO A 196 4.72 1.42 15.10
N GLU A 197 5.47 2.21 14.33
CA GLU A 197 5.88 3.52 14.78
C GLU A 197 4.70 4.48 14.91
N ILE A 198 3.57 4.17 14.28
CA ILE A 198 2.40 5.03 14.39
C ILE A 198 1.70 4.83 15.73
N GLN A 199 1.58 3.57 16.18
CA GLN A 199 0.86 3.30 17.41
C GLN A 199 1.57 3.85 18.63
N GLU A 200 2.89 3.98 18.58
CA GLU A 200 3.65 4.47 19.73
C GLU A 200 3.70 5.99 19.81
N ALA A 201 3.74 6.67 18.66
CA ALA A 201 3.84 8.13 18.68
C ALA A 201 2.53 8.78 19.10
N PHE A 202 1.39 8.19 18.73
CA PHE A 202 0.09 8.75 19.04
C PHE A 202 -0.67 7.97 20.11
N ASN A 203 -0.19 6.78 20.48
CA ASN A 203 -0.85 5.93 21.48
C ASN A 203 -2.30 5.64 21.08
N LEU A 204 -2.50 5.37 19.79
CA LEU A 204 -3.82 5.08 19.24
C LEU A 204 -3.77 3.78 18.47
N GLN A 205 -4.97 3.23 18.20
CA GLN A 205 -5.08 2.02 17.42
C GLN A 205 -4.86 2.31 15.94
N VAL A 206 -4.28 1.32 15.25
CA VAL A 206 -3.94 1.44 13.84
C VAL A 206 -4.66 0.34 13.06
N MET A 207 -5.29 0.71 11.95
CA MET A 207 -5.96 -0.23 11.06
C MET A 207 -5.15 -0.37 9.77
N ILE A 208 -4.98 -1.61 9.33
CA ILE A 208 -4.30 -1.93 8.08
C ILE A 208 -5.32 -2.50 7.11
N ALA A 209 -5.34 -1.97 5.89
CA ALA A 209 -6.26 -2.41 4.84
C ALA A 209 -5.47 -2.65 3.57
N VAL A 210 -5.09 -3.91 3.33
CA VAL A 210 -4.33 -4.29 2.14
C VAL A 210 -5.11 -5.23 1.24
N SER A 211 -6.35 -5.56 1.57
CA SER A 211 -7.09 -6.58 0.86
C SER A 211 -7.31 -6.20 -0.60
N ARG A 212 -6.71 -6.97 -1.50
CA ARG A 212 -6.91 -6.83 -2.95
C ARG A 212 -6.55 -5.42 -3.42
N LYS A 213 -5.28 -5.08 -3.27
CA LYS A 213 -4.74 -3.81 -3.74
C LYS A 213 -3.70 -4.07 -4.83
N SER A 214 -3.61 -3.14 -5.78
CA SER A 214 -2.83 -3.36 -6.99
C SER A 214 -1.34 -3.51 -6.71
N PHE A 215 -0.84 -2.89 -5.64
CA PHE A 215 0.59 -2.96 -5.35
C PHE A 215 1.04 -4.38 -5.02
N LEU A 216 0.14 -5.22 -4.51
CA LEU A 216 0.49 -6.60 -4.22
C LEU A 216 0.83 -7.37 -5.48
N GLY A 217 0.14 -7.07 -6.58
CA GLY A 217 0.45 -7.72 -7.84
C GLY A 217 1.77 -7.28 -8.43
N LYS A 218 2.17 -6.03 -8.17
CA LYS A 218 3.44 -5.53 -8.67
C LYS A 218 4.63 -6.22 -8.01
N ILE A 219 4.43 -6.82 -6.84
CA ILE A 219 5.51 -7.49 -6.13
C ILE A 219 5.67 -8.93 -6.62
N THR A 220 4.57 -9.60 -6.94
CA THR A 220 4.61 -11.00 -7.39
C THR A 220 4.46 -11.13 -8.90
N GLY A 221 3.40 -10.58 -9.46
CA GLY A 221 3.15 -10.72 -10.89
C GLY A 221 1.94 -11.59 -11.18
N THR A 222 0.94 -11.52 -10.31
CA THR A 222 -0.29 -12.29 -10.46
C THR A 222 -1.48 -11.36 -10.24
N ASP A 223 -2.63 -11.77 -10.76
CA ASP A 223 -3.86 -10.99 -10.62
C ASP A 223 -4.33 -11.08 -9.17
N VAL A 224 -4.05 -10.03 -8.40
CA VAL A 224 -4.42 -10.01 -6.98
C VAL A 224 -5.83 -9.50 -6.74
N LYS A 225 -6.52 -9.03 -7.78
CA LYS A 225 -7.87 -8.52 -7.61
C LYS A 225 -8.88 -9.63 -7.35
N SER A 226 -8.59 -10.86 -7.76
CA SER A 226 -9.48 -11.99 -7.54
C SER A 226 -8.79 -13.12 -6.78
N ARG A 227 -7.58 -12.90 -6.29
CA ARG A 227 -6.81 -13.95 -5.61
C ARG A 227 -6.52 -13.53 -4.18
N LEU A 228 -6.33 -14.53 -3.32
CA LEU A 228 -6.22 -14.32 -1.89
C LEU A 228 -4.81 -14.50 -1.32
N ALA A 229 -4.01 -15.37 -1.93
CA ALA A 229 -2.68 -15.68 -1.40
C ALA A 229 -1.81 -14.45 -1.11
N PRO A 230 -1.64 -13.48 -2.02
CA PRO A 230 -0.85 -12.30 -1.66
C PRO A 230 -1.56 -11.40 -0.67
N THR A 231 -2.89 -11.31 -0.74
CA THR A 231 -3.64 -10.56 0.25
C THR A 231 -3.47 -11.16 1.64
N LEU A 232 -3.49 -12.50 1.74
CA LEU A 232 -3.34 -13.16 3.03
C LEU A 232 -1.93 -13.01 3.57
N ALA A 233 -0.92 -13.09 2.70
CA ALA A 233 0.46 -12.96 3.15
C ALA A 233 0.71 -11.58 3.77
N ALA A 234 0.17 -10.53 3.15
CA ALA A 234 0.33 -9.20 3.70
C ALA A 234 -0.52 -9.00 4.94
N GLU A 235 -1.75 -9.53 4.94
CA GLU A 235 -2.59 -9.44 6.13
C GLU A 235 -1.99 -10.19 7.31
N MET A 236 -1.22 -11.25 7.03
CA MET A 236 -0.56 -12.00 8.09
C MET A 236 0.55 -11.18 8.73
N TYR A 237 1.38 -10.53 7.91
CA TYR A 237 2.50 -9.76 8.45
C TYR A 237 2.02 -8.65 9.37
N ALA A 238 0.97 -7.93 8.96
CA ALA A 238 0.44 -6.85 9.79
C ALA A 238 -0.14 -7.38 11.09
N TYR A 239 -0.66 -8.61 11.09
CA TYR A 239 -1.20 -9.18 12.31
C TYR A 239 -0.09 -9.45 13.33
N LYS A 240 0.99 -10.10 12.89
CA LYS A 240 2.12 -10.38 13.77
C LYS A 240 2.83 -9.10 14.20
N LYS A 241 2.69 -8.02 13.45
CA LYS A 241 3.32 -6.75 13.78
C LYS A 241 2.45 -5.85 14.64
N GLY A 242 1.28 -6.32 15.06
CA GLY A 242 0.50 -5.60 16.04
C GLY A 242 -0.58 -4.69 15.51
N ALA A 243 -1.13 -4.98 14.33
CA ALA A 243 -2.22 -4.18 13.80
C ALA A 243 -3.49 -4.42 14.62
N ASP A 244 -4.14 -3.33 15.02
CA ASP A 244 -5.33 -3.45 15.86
C ASP A 244 -6.53 -3.93 15.07
N TYR A 245 -6.76 -3.37 13.89
CA TYR A 245 -7.89 -3.75 13.05
C TYR A 245 -7.38 -4.19 11.68
N LEU A 246 -8.18 -5.01 11.00
CA LEU A 246 -7.84 -5.52 9.68
C LEU A 246 -9.09 -5.45 8.80
N ARG A 247 -9.03 -4.62 7.76
CA ARG A 247 -10.11 -4.53 6.77
C ARG A 247 -9.81 -5.52 5.66
N THR A 248 -10.73 -6.48 5.46
CA THR A 248 -10.49 -7.56 4.52
C THR A 248 -11.78 -7.92 3.79
N HIS A 249 -11.61 -8.63 2.67
CA HIS A 249 -12.72 -9.17 1.89
C HIS A 249 -13.01 -10.61 2.27
N ASP A 250 -12.02 -11.49 2.13
CA ASP A 250 -12.16 -12.89 2.49
C ASP A 250 -11.97 -13.00 4.00
N VAL A 251 -13.08 -12.80 4.74
CA VAL A 251 -13.02 -12.84 6.20
C VAL A 251 -12.67 -14.25 6.69
N LYS A 252 -13.29 -15.27 6.08
CA LYS A 252 -13.09 -16.63 6.55
C LYS A 252 -11.65 -17.10 6.35
N SER A 253 -11.05 -16.75 5.20
CA SER A 253 -9.67 -17.15 4.96
C SER A 253 -8.72 -16.48 5.94
N LEU A 254 -9.00 -15.22 6.29
CA LEU A 254 -8.15 -14.53 7.26
C LEU A 254 -8.42 -15.03 8.67
N SER A 255 -9.69 -15.26 9.02
CA SER A 255 -10.01 -15.79 10.34
C SER A 255 -9.43 -17.17 10.54
N ASP A 256 -9.57 -18.05 9.54
CA ASP A 256 -8.94 -19.36 9.61
C ASP A 256 -7.43 -19.24 9.70
N ALA A 257 -6.85 -18.28 8.99
CA ALA A 257 -5.40 -18.09 9.05
C ALA A 257 -4.97 -17.62 10.43
N LEU A 258 -5.73 -16.72 11.05
CA LEU A 258 -5.40 -16.26 12.40
C LEU A 258 -5.48 -17.40 13.41
N LYS A 259 -6.32 -18.40 13.15
CA LYS A 259 -6.43 -19.54 14.05
C LYS A 259 -5.24 -20.49 13.93
N ILE A 260 -4.49 -20.41 12.84
CA ILE A 260 -3.29 -21.23 12.70
C ILE A 260 -2.11 -20.57 13.41
N SER A 261 -1.94 -19.26 13.21
CA SER A 261 -0.83 -18.55 13.86
C SER A 261 -0.99 -18.50 15.36
N LYS A 262 -2.22 -18.50 15.87
CA LYS A 262 -2.44 -18.51 17.31
C LYS A 262 -2.07 -19.85 17.92
N ALA A 263 -2.32 -20.95 17.19
CA ALA A 263 -1.95 -22.27 17.67
C ALA A 263 -0.45 -22.53 17.50
N LEU A 264 0.12 -22.05 16.40
CA LEU A 264 1.54 -22.23 16.15
C LEU A 264 2.41 -21.31 17.00
N GLY A 265 1.84 -20.24 17.54
CA GLY A 265 2.58 -19.32 18.38
C GLY A 265 3.53 -18.41 17.63
N GLY B 2 -3.88 50.17 -1.53
CA GLY B 2 -3.32 49.61 -2.74
C GLY B 2 -2.12 48.73 -2.44
N MET B 3 -2.38 47.56 -1.87
CA MET B 3 -1.32 46.73 -1.32
C MET B 3 -0.75 45.74 -2.32
N SER B 4 -1.43 45.49 -3.43
CA SER B 4 -1.09 44.36 -4.29
C SER B 4 0.30 44.53 -4.91
N LYS B 5 1.12 43.49 -4.78
CA LYS B 5 2.41 43.40 -5.44
C LYS B 5 2.34 42.35 -6.54
N ILE B 6 3.35 42.34 -7.41
CA ILE B 6 3.37 41.49 -8.59
C ILE B 6 4.56 40.55 -8.51
N PHE B 7 4.30 39.26 -8.75
CA PHE B 7 5.35 38.25 -8.85
C PHE B 7 5.64 37.96 -10.32
N GLY B 8 6.90 38.11 -10.71
CA GLY B 8 7.30 37.81 -12.08
C GLY B 8 7.75 36.39 -12.24
N ILE B 9 7.04 35.62 -13.07
CA ILE B 9 7.32 34.19 -13.24
C ILE B 9 8.52 34.03 -14.16
N VAL B 10 9.58 33.40 -13.65
CA VAL B 10 10.77 33.08 -14.43
C VAL B 10 11.02 31.58 -14.30
N ASN B 11 11.06 30.89 -15.44
CA ASN B 11 11.27 29.44 -15.48
C ASN B 11 12.61 29.18 -16.17
N ILE B 12 13.62 28.83 -15.37
CA ILE B 12 14.96 28.67 -15.91
C ILE B 12 15.04 27.47 -16.86
N THR B 13 14.25 26.43 -16.60
CA THR B 13 14.35 25.20 -17.39
C THR B 13 13.94 25.43 -18.85
N THR B 14 12.91 26.27 -19.08
CA THR B 14 12.40 26.50 -20.42
C THR B 14 13.00 27.73 -21.10
N ASP B 15 13.60 28.64 -20.34
CA ASP B 15 14.15 29.86 -20.94
C ASP B 15 15.41 29.60 -21.74
N SER B 16 16.06 28.45 -21.54
CA SER B 16 17.30 28.13 -22.25
C SER B 16 17.19 26.83 -23.04
N PHE B 17 15.98 26.33 -23.24
CA PHE B 17 15.75 25.08 -23.96
C PHE B 17 14.76 25.35 -25.09
N SER B 18 15.29 25.79 -26.24
CA SER B 18 14.48 25.98 -27.42
C SER B 18 15.04 25.18 -28.58
N ASP B 19 14.89 25.68 -29.81
CA ASP B 19 15.44 24.98 -30.97
C ASP B 19 16.95 25.21 -31.05
N GLY B 20 17.60 24.32 -31.79
CA GLY B 20 19.06 24.38 -31.94
C GLY B 20 19.76 23.64 -30.80
N GLY B 21 20.49 24.38 -29.97
CA GLY B 21 21.17 23.81 -28.83
C GLY B 21 20.22 23.40 -27.73
N LEU B 22 20.03 22.10 -27.55
CA LEU B 22 19.12 21.56 -26.53
C LEU B 22 19.71 21.57 -25.12
N TYR B 23 20.78 22.32 -24.90
CA TYR B 23 21.48 22.35 -23.61
C TYR B 23 21.22 23.68 -22.91
N LEU B 24 21.80 23.83 -21.73
CA LEU B 24 21.51 24.96 -20.86
C LEU B 24 22.30 26.19 -21.28
N ASP B 25 21.66 27.35 -21.14
CA ASP B 25 22.30 28.66 -21.30
C ASP B 25 21.70 29.53 -20.19
N THR B 26 22.36 29.53 -19.04
CA THR B 26 21.79 30.16 -17.84
C THR B 26 21.63 31.67 -17.99
N ASP B 27 22.29 32.30 -18.96
CA ASP B 27 22.22 33.74 -19.08
C ASP B 27 20.88 34.20 -19.63
N LYS B 28 20.32 33.47 -20.60
CA LYS B 28 19.07 33.88 -21.23
C LYS B 28 17.89 33.87 -20.25
N ALA B 29 18.02 33.17 -19.13
CA ALA B 29 16.99 33.18 -18.09
C ALA B 29 17.19 34.31 -17.07
N ILE B 30 18.38 34.91 -17.04
CA ILE B 30 18.65 36.01 -16.12
C ILE B 30 18.18 37.34 -16.68
N GLU B 31 18.57 37.66 -17.93
CA GLU B 31 18.12 38.91 -18.53
C GLU B 31 16.63 38.89 -18.81
N HIS B 32 16.04 37.70 -18.96
CA HIS B 32 14.59 37.59 -19.01
C HIS B 32 13.99 38.07 -17.68
N ALA B 33 14.57 37.63 -16.56
CA ALA B 33 14.12 38.13 -15.27
C ALA B 33 14.42 39.61 -15.09
N LEU B 34 15.51 40.10 -15.70
CA LEU B 34 15.84 41.52 -15.61
C LEU B 34 14.76 42.38 -16.27
N HIS B 35 14.24 41.92 -17.41
CA HIS B 35 13.24 42.71 -18.13
C HIS B 35 11.91 42.76 -17.36
N LEU B 36 11.59 41.73 -16.58
CA LEU B 36 10.33 41.70 -15.86
C LEU B 36 10.31 42.74 -14.74
N VAL B 37 11.43 42.91 -14.03
CA VAL B 37 11.49 43.94 -12.99
C VAL B 37 11.36 45.33 -13.61
N GLU B 38 11.89 45.50 -14.82
CA GLU B 38 11.68 46.75 -15.54
C GLU B 38 10.23 46.92 -15.96
N ASP B 39 9.54 45.82 -16.28
CA ASP B 39 8.15 45.89 -16.67
C ASP B 39 7.23 46.24 -15.51
N GLY B 40 7.67 46.03 -14.27
CA GLY B 40 6.88 46.41 -13.12
C GLY B 40 6.78 45.33 -12.06
N ALA B 41 7.63 44.31 -12.14
CA ALA B 41 7.59 43.19 -11.21
C ALA B 41 8.27 43.60 -9.91
N ASP B 42 7.55 43.45 -8.79
CA ASP B 42 8.12 43.78 -7.49
C ASP B 42 8.92 42.62 -6.91
N VAL B 43 8.54 41.38 -7.23
CA VAL B 43 9.22 40.19 -6.75
C VAL B 43 9.39 39.23 -7.93
N ILE B 44 10.57 38.62 -8.03
CA ILE B 44 10.88 37.67 -9.09
C ILE B 44 10.67 36.27 -8.55
N ASP B 45 9.79 35.51 -9.21
CA ASP B 45 9.49 34.13 -8.82
C ASP B 45 10.23 33.18 -9.74
N LEU B 46 11.11 32.35 -9.16
CA LEU B 46 11.94 31.44 -9.92
C LEU B 46 11.45 30.01 -9.76
N GLY B 47 11.73 29.19 -10.77
CA GLY B 47 11.38 27.78 -10.75
C GLY B 47 12.15 27.01 -11.81
N ALA B 48 12.79 25.91 -11.42
CA ALA B 48 13.61 25.14 -12.35
C ALA B 48 13.57 23.67 -11.92
N ALA B 49 12.57 22.94 -12.43
CA ALA B 49 12.40 21.53 -12.14
C ALA B 49 12.54 20.72 -13.42
N SER B 50 13.19 19.56 -13.31
CA SER B 50 13.35 18.67 -14.46
C SER B 50 11.97 18.20 -14.94
N SER B 51 11.66 18.53 -16.20
CA SER B 51 10.31 18.35 -16.71
C SER B 51 9.93 16.88 -16.86
N ASN B 52 10.45 16.22 -17.89
CA ASN B 52 9.93 14.90 -18.23
C ASN B 52 10.52 13.77 -17.37
N PRO B 53 11.85 13.57 -17.34
CA PRO B 53 12.37 12.34 -16.72
C PRO B 53 12.54 12.47 -15.21
N ASP B 54 13.19 11.46 -14.60
CA ASP B 54 13.20 11.27 -13.15
C ASP B 54 13.45 12.51 -12.30
N THR B 55 12.99 12.43 -11.04
CA THR B 55 13.21 13.52 -10.10
C THR B 55 13.24 13.06 -8.64
N THR B 56 13.34 11.76 -8.35
CA THR B 56 13.34 11.30 -6.97
C THR B 56 14.58 11.76 -6.23
N GLU B 57 15.74 11.61 -6.86
CA GLU B 57 16.99 12.16 -6.36
C GLU B 57 17.86 12.43 -7.58
N VAL B 58 19.03 13.04 -7.33
CA VAL B 58 19.96 13.49 -8.36
C VAL B 58 19.22 14.17 -9.51
N GLY B 59 18.05 14.74 -9.20
CA GLY B 59 17.33 15.59 -10.12
C GLY B 59 17.15 16.94 -9.48
N VAL B 60 17.42 16.99 -8.17
CA VAL B 60 17.45 18.25 -7.45
C VAL B 60 18.82 18.90 -7.48
N VAL B 61 19.87 18.16 -7.86
CA VAL B 61 21.19 18.77 -8.02
C VAL B 61 21.19 19.70 -9.23
N GLU B 62 20.58 19.27 -10.34
CA GLU B 62 20.40 20.15 -11.47
C GLU B 62 19.41 21.27 -11.14
N GLU B 63 18.40 20.97 -10.31
CA GLU B 63 17.51 22.02 -9.84
C GLU B 63 18.25 23.05 -9.00
N ILE B 64 19.15 22.59 -8.12
CA ILE B 64 19.92 23.50 -7.30
C ILE B 64 20.96 24.23 -8.13
N LYS B 65 21.64 23.52 -9.03
CA LYS B 65 22.67 24.14 -9.86
C LYS B 65 22.10 25.12 -10.87
N ARG B 66 20.81 25.01 -11.20
CA ARG B 66 20.19 25.99 -12.09
C ARG B 66 19.81 27.25 -11.35
N LEU B 67 19.47 27.14 -10.06
CA LEU B 67 19.10 28.32 -9.28
C LEU B 67 20.32 29.10 -8.81
N LYS B 68 21.41 28.40 -8.50
CA LYS B 68 22.61 29.04 -7.93
C LYS B 68 23.09 30.25 -8.71
N PRO B 69 23.24 30.21 -10.04
CA PRO B 69 23.71 31.42 -10.73
C PRO B 69 22.68 32.53 -10.78
N VAL B 70 21.41 32.20 -11.02
CA VAL B 70 20.39 33.23 -11.19
C VAL B 70 20.13 33.96 -9.89
N ILE B 71 20.07 33.23 -8.77
CA ILE B 71 19.85 33.88 -7.48
C ILE B 71 21.06 34.75 -7.11
N LYS B 72 22.27 34.28 -7.43
CA LYS B 72 23.46 35.08 -7.16
C LYS B 72 23.54 36.27 -8.11
N ALA B 73 23.16 36.09 -9.37
CA ALA B 73 23.22 37.19 -10.33
C ALA B 73 22.15 38.24 -10.04
N LEU B 74 20.99 37.84 -9.51
CA LEU B 74 19.92 38.79 -9.22
C LEU B 74 20.05 39.42 -7.85
N LYS B 75 20.64 38.71 -6.88
CA LYS B 75 20.80 39.29 -5.55
C LYS B 75 21.82 40.42 -5.52
N GLU B 76 22.77 40.43 -6.46
CA GLU B 76 23.69 41.55 -6.58
C GLU B 76 23.07 42.77 -7.22
N LYS B 77 21.83 42.66 -7.72
CA LYS B 77 21.09 43.78 -8.27
C LYS B 77 20.01 44.30 -7.32
N GLY B 78 19.92 43.74 -6.13
CA GLY B 78 18.91 44.18 -5.17
C GLY B 78 17.50 43.72 -5.50
N ILE B 79 17.35 42.48 -5.96
CA ILE B 79 16.07 41.96 -6.44
C ILE B 79 15.47 41.08 -5.36
N SER B 80 14.18 41.28 -5.08
CA SER B 80 13.44 40.38 -4.20
C SER B 80 13.21 39.07 -4.93
N ILE B 81 13.70 37.97 -4.35
CA ILE B 81 13.74 36.68 -5.02
C ILE B 81 12.67 35.76 -4.42
N SER B 82 12.02 34.99 -5.28
CA SER B 82 11.09 33.95 -4.87
C SER B 82 11.41 32.68 -5.64
N VAL B 83 11.39 31.54 -4.94
CA VAL B 83 11.69 30.24 -5.54
C VAL B 83 10.45 29.36 -5.44
N ASP B 84 10.00 28.85 -6.58
CA ASP B 84 8.85 27.94 -6.63
C ASP B 84 9.37 26.51 -6.58
N THR B 85 9.23 25.86 -5.42
CA THR B 85 9.67 24.49 -5.27
C THR B 85 8.93 23.85 -4.11
N PHE B 86 8.74 22.53 -4.19
CA PHE B 86 8.09 21.76 -3.14
C PHE B 86 9.01 20.73 -2.51
N LYS B 87 10.25 20.61 -2.99
CA LYS B 87 11.18 19.62 -2.45
C LYS B 87 11.91 20.20 -1.25
N PRO B 88 11.87 19.56 -0.08
CA PRO B 88 12.61 20.10 1.08
C PRO B 88 14.11 20.21 0.84
N GLU B 89 14.68 19.30 0.05
CA GLU B 89 16.11 19.38 -0.25
C GLU B 89 16.45 20.63 -1.03
N VAL B 90 15.52 21.13 -1.85
CA VAL B 90 15.75 22.38 -2.56
C VAL B 90 15.34 23.58 -1.71
N GLN B 91 14.38 23.41 -0.79
CA GLN B 91 13.98 24.51 0.08
C GLN B 91 15.07 24.85 1.08
N SER B 92 15.87 23.85 1.50
CA SER B 92 17.00 24.13 2.39
C SER B 92 18.06 24.95 1.69
N PHE B 93 18.24 24.74 0.38
CA PHE B 93 19.20 25.54 -0.38
C PHE B 93 18.74 26.99 -0.51
N CYS B 94 17.43 27.22 -0.52
CA CYS B 94 16.90 28.57 -0.59
C CYS B 94 16.99 29.31 0.73
N ILE B 95 17.20 28.61 1.83
CA ILE B 95 17.30 29.26 3.13
C ILE B 95 18.72 29.78 3.36
N GLU B 96 19.74 28.99 2.99
CA GLU B 96 21.12 29.41 3.18
C GLU B 96 21.43 30.64 2.32
N GLN B 97 20.94 30.66 1.08
CA GLN B 97 21.16 31.80 0.20
C GLN B 97 20.28 32.99 0.55
N LYS B 98 19.42 32.85 1.56
CA LYS B 98 18.64 33.96 2.12
C LYS B 98 17.67 34.55 1.09
N VAL B 99 16.92 33.67 0.43
CA VAL B 99 15.88 34.12 -0.49
C VAL B 99 14.74 34.74 0.32
N ASP B 100 14.08 35.73 -0.27
CA ASP B 100 13.02 36.45 0.43
C ASP B 100 11.68 35.71 0.43
N PHE B 101 11.49 34.73 -0.44
CA PHE B 101 10.22 34.03 -0.56
C PHE B 101 10.44 32.57 -0.89
N ILE B 102 9.69 31.70 -0.22
CA ILE B 102 9.62 30.28 -0.58
C ILE B 102 8.19 29.98 -1.00
N ASN B 103 8.01 29.60 -2.25
CA ASN B 103 6.70 29.34 -2.84
C ASN B 103 6.55 27.82 -2.98
N ASP B 104 5.71 27.23 -2.13
CA ASP B 104 5.53 25.79 -2.08
C ASP B 104 4.10 25.46 -2.50
N ILE B 105 3.95 24.76 -3.63
CA ILE B 105 2.62 24.37 -4.09
C ILE B 105 2.02 23.28 -3.23
N GLN B 106 2.85 22.53 -2.49
CA GLN B 106 2.35 21.52 -1.57
C GLN B 106 2.04 22.07 -0.19
N GLY B 107 2.52 23.27 0.12
CA GLY B 107 2.16 23.92 1.37
C GLY B 107 2.92 23.46 2.59
N PHE B 108 4.19 23.09 2.43
CA PHE B 108 5.05 22.63 3.51
C PHE B 108 4.40 21.48 4.28
N PRO B 109 4.22 20.30 3.66
CA PRO B 109 3.63 19.17 4.38
C PRO B 109 4.63 18.31 5.12
N TYR B 110 5.93 18.49 4.85
CA TYR B 110 6.96 17.65 5.46
C TYR B 110 7.49 18.33 6.72
N PRO B 111 7.31 17.74 7.90
CA PRO B 111 7.78 18.38 9.14
C PRO B 111 9.27 18.26 9.39
N GLU B 112 10.02 17.64 8.48
CA GLU B 112 11.45 17.44 8.71
C GLU B 112 12.22 18.75 8.72
N ILE B 113 11.72 19.76 8.00
CA ILE B 113 12.42 21.03 7.86
C ILE B 113 11.66 22.18 8.52
N TYR B 114 10.67 21.88 9.36
CA TYR B 114 9.95 22.94 10.06
C TYR B 114 10.89 23.76 10.95
N SER B 115 11.87 23.10 11.56
CA SER B 115 12.86 23.83 12.33
C SER B 115 13.74 24.69 11.43
N GLY B 116 14.08 24.16 10.25
CA GLY B 116 14.89 24.95 9.32
C GLY B 116 14.21 26.21 8.86
N LEU B 117 12.92 26.10 8.51
CA LEU B 117 12.17 27.29 8.10
C LEU B 117 12.04 28.30 9.24
N ALA B 118 12.07 27.81 10.49
CA ALA B 118 11.94 28.72 11.62
C ALA B 118 13.18 29.57 11.82
N LYS B 119 14.36 29.05 11.49
CA LYS B 119 15.62 29.77 11.65
C LYS B 119 15.98 30.58 10.42
N SER B 120 14.99 31.25 9.82
CA SER B 120 15.22 32.10 8.66
C SER B 120 14.22 33.24 8.69
N ASP B 121 14.42 34.20 7.78
CA ASP B 121 13.59 35.39 7.71
C ASP B 121 12.76 35.44 6.43
N CYS B 122 12.71 34.36 5.68
CA CYS B 122 12.00 34.34 4.40
C CYS B 122 10.50 34.23 4.62
N LYS B 123 9.74 34.87 3.74
CA LYS B 123 8.29 34.72 3.72
C LYS B 123 7.93 33.39 3.06
N LEU B 124 6.90 32.73 3.58
CA LEU B 124 6.49 31.41 3.12
C LEU B 124 5.12 31.52 2.48
N VAL B 125 5.01 31.10 1.22
CA VAL B 125 3.76 31.11 0.47
C VAL B 125 3.08 29.77 0.72
N LEU B 126 2.06 29.76 1.58
CA LEU B 126 1.34 28.56 1.96
C LEU B 126 0.19 28.35 0.97
N MET B 127 0.41 27.49 -0.02
CA MET B 127 -0.60 27.21 -1.03
C MET B 127 -1.46 26.02 -0.65
N HIS B 128 -2.72 26.06 -1.07
CA HIS B 128 -3.68 25.00 -0.81
C HIS B 128 -4.00 24.27 -2.11
N SER B 129 -4.17 22.95 -2.02
CA SER B 129 -4.55 22.12 -3.15
C SER B 129 -5.51 21.04 -2.68
N VAL B 130 -6.51 20.74 -3.52
CA VAL B 130 -7.53 19.78 -3.12
C VAL B 130 -7.12 18.34 -3.42
N GLN B 131 -6.09 18.14 -4.24
CA GLN B 131 -5.68 16.80 -4.68
C GLN B 131 -5.35 15.89 -3.50
N THR B 137 -8.28 13.83 -14.77
CA THR B 137 -9.65 14.36 -14.69
C THR B 137 -10.05 14.58 -13.24
N LYS B 138 -10.68 15.72 -12.97
CA LYS B 138 -11.31 15.94 -11.68
C LYS B 138 -12.38 14.88 -11.45
N VAL B 139 -12.17 14.05 -10.42
CA VAL B 139 -13.14 13.00 -10.12
C VAL B 139 -14.44 13.61 -9.61
N GLU B 140 -14.38 14.28 -8.46
CA GLU B 140 -15.59 14.84 -7.86
C GLU B 140 -15.20 15.95 -6.89
N THR B 141 -15.81 17.13 -7.06
CA THR B 141 -15.49 18.29 -6.25
C THR B 141 -16.75 19.13 -6.05
N ASN B 142 -17.05 19.45 -4.80
CA ASN B 142 -18.14 20.36 -4.47
C ASN B 142 -17.55 21.73 -4.17
N PRO B 143 -17.97 22.79 -4.87
CA PRO B 143 -17.31 24.10 -4.68
C PRO B 143 -17.31 24.60 -3.24
N GLU B 144 -18.40 24.42 -2.50
CA GLU B 144 -18.43 24.88 -1.11
C GLU B 144 -17.45 24.07 -0.26
N GLU B 145 -17.52 22.74 -0.34
CA GLU B 145 -16.71 21.89 0.52
C GLU B 145 -15.22 22.07 0.25
N VAL B 146 -14.85 22.52 -0.94
CA VAL B 146 -13.45 22.87 -1.21
C VAL B 146 -13.05 24.09 -0.39
N PHE B 147 -13.96 25.06 -0.26
CA PHE B 147 -13.65 26.29 0.46
C PHE B 147 -13.56 26.04 1.96
N THR B 148 -14.51 25.29 2.52
CA THR B 148 -14.53 25.08 3.97
C THR B 148 -13.41 24.16 4.41
N SER B 149 -13.11 23.12 3.63
CA SER B 149 -11.94 22.29 3.93
C SER B 149 -10.66 23.07 3.77
N MET B 150 -10.63 24.06 2.88
CA MET B 150 -9.47 24.92 2.74
C MET B 150 -9.22 25.74 4.00
N MET B 151 -10.29 26.29 4.57
CA MET B 151 -10.15 27.07 5.80
C MET B 151 -9.64 26.21 6.95
N GLU B 152 -10.10 24.96 7.01
CA GLU B 152 -9.61 24.05 8.05
C GLU B 152 -8.17 23.66 7.80
N PHE B 153 -7.79 23.44 6.53
CA PHE B 153 -6.41 23.10 6.21
C PHE B 153 -5.47 24.24 6.59
N PHE B 154 -5.84 25.47 6.24
CA PHE B 154 -5.01 26.63 6.59
C PHE B 154 -4.87 26.76 8.10
N LYS B 155 -5.98 26.64 8.83
CA LYS B 155 -5.94 26.76 10.28
C LYS B 155 -5.06 25.68 10.91
N GLU B 156 -5.04 24.49 10.33
CA GLU B 156 -4.21 23.41 10.87
C GLU B 156 -2.75 23.61 10.50
N ARG B 157 -2.46 24.02 9.26
CA ARG B 157 -1.08 24.15 8.83
C ARG B 157 -0.41 25.38 9.44
N ILE B 158 -1.15 26.47 9.63
CA ILE B 158 -0.58 27.66 10.25
C ILE B 158 -0.22 27.38 11.71
N ALA B 159 -1.12 26.72 12.44
CA ALA B 159 -0.85 26.41 13.85
C ALA B 159 0.31 25.43 14.00
N ALA B 160 0.55 24.60 12.98
CA ALA B 160 1.68 23.67 13.05
C ALA B 160 3.01 24.39 12.85
N LEU B 161 3.05 25.34 11.91
CA LEU B 161 4.29 26.09 11.68
C LEU B 161 4.58 27.07 12.81
N VAL B 162 3.54 27.61 13.44
CA VAL B 162 3.73 28.58 14.52
C VAL B 162 4.40 27.90 15.71
N GLU B 163 3.89 26.74 16.12
CA GLU B 163 4.51 26.01 17.23
C GLU B 163 5.82 25.35 16.82
N ALA B 164 6.21 25.43 15.55
CA ALA B 164 7.53 24.97 15.13
C ALA B 164 8.56 26.09 15.15
N GLY B 165 8.14 27.35 15.20
CA GLY B 165 9.06 28.45 15.31
C GLY B 165 8.91 29.52 14.24
N VAL B 166 7.83 29.45 13.46
CA VAL B 166 7.56 30.39 12.38
C VAL B 166 6.33 31.19 12.76
N LYS B 167 6.53 32.45 13.17
CA LYS B 167 5.38 33.29 13.49
C LYS B 167 4.63 33.65 12.22
N ARG B 168 3.33 33.95 12.38
CA ARG B 168 2.41 33.89 11.26
C ARG B 168 2.65 35.00 10.23
N GLU B 169 3.16 36.15 10.65
CA GLU B 169 3.29 37.24 9.65
C GLU B 169 4.38 36.96 8.61
N ARG B 170 4.97 35.78 8.57
CA ARG B 170 5.82 35.33 7.48
C ARG B 170 5.07 34.49 6.46
N ILE B 171 3.80 34.18 6.72
CA ILE B 171 3.03 33.23 5.91
C ILE B 171 2.05 34.00 5.05
N ILE B 172 2.13 33.79 3.74
CA ILE B 172 1.18 34.33 2.77
C ILE B 172 0.35 33.17 2.25
N LEU B 173 -0.97 33.28 2.37
CA LEU B 173 -1.88 32.20 2.03
C LEU B 173 -2.23 32.24 0.55
N ASP B 174 -2.15 31.09 -0.12
CA ASP B 174 -2.57 30.95 -1.50
C ASP B 174 -3.68 29.92 -1.57
N PRO B 175 -4.91 30.30 -1.96
CA PRO B 175 -6.00 29.33 -1.97
C PRO B 175 -5.91 28.30 -3.10
N GLY B 176 -4.96 28.44 -4.01
CA GLY B 176 -4.91 27.60 -5.18
C GLY B 176 -5.89 28.05 -6.25
N MET B 177 -5.63 27.63 -7.48
CA MET B 177 -6.44 28.08 -8.60
C MET B 177 -6.28 27.10 -9.75
N GLY B 178 -7.26 27.12 -10.65
CA GLY B 178 -7.17 26.31 -11.85
C GLY B 178 -7.32 24.83 -11.53
N PHE B 179 -6.43 24.01 -12.09
CA PHE B 179 -6.49 22.57 -11.88
C PHE B 179 -6.07 22.17 -10.47
N PHE B 180 -5.51 23.09 -9.68
CA PHE B 180 -5.23 22.80 -8.28
C PHE B 180 -6.50 22.77 -7.43
N LEU B 181 -7.62 23.28 -7.94
CA LEU B 181 -8.91 23.20 -7.26
C LEU B 181 -9.86 22.21 -7.91
N GLY B 182 -9.57 21.75 -9.12
CA GLY B 182 -10.48 20.87 -9.84
C GLY B 182 -10.78 21.38 -11.24
N SER B 183 -11.24 20.48 -12.11
CA SER B 183 -11.55 20.86 -13.49
C SER B 183 -12.78 21.74 -13.59
N ASN B 184 -13.65 21.73 -12.59
CA ASN B 184 -14.83 22.59 -12.59
C ASN B 184 -14.39 24.04 -12.43
N PRO B 185 -14.62 24.90 -13.41
CA PRO B 185 -14.15 26.30 -13.28
C PRO B 185 -14.91 27.10 -12.24
N GLU B 186 -16.08 26.64 -11.79
CA GLU B 186 -16.86 27.42 -10.84
C GLU B 186 -16.26 27.39 -9.44
N THR B 187 -15.41 26.40 -9.14
CA THR B 187 -14.73 26.42 -7.85
C THR B 187 -13.70 27.54 -7.78
N SER B 188 -12.99 27.79 -8.88
CA SER B 188 -12.06 28.91 -8.94
C SER B 188 -12.80 30.24 -8.98
N ILE B 189 -13.96 30.28 -9.62
CA ILE B 189 -14.81 31.48 -9.58
C ILE B 189 -15.20 31.79 -8.15
N LEU B 190 -15.59 30.76 -7.39
CA LEU B 190 -15.97 30.96 -5.99
C LEU B 190 -14.77 31.43 -5.17
N VAL B 191 -13.58 30.89 -5.45
CA VAL B 191 -12.39 31.27 -4.70
C VAL B 191 -12.02 32.72 -4.98
N LEU B 192 -12.05 33.12 -6.26
CA LEU B 192 -11.73 34.50 -6.61
C LEU B 192 -12.73 35.48 -6.02
N LYS B 193 -13.95 35.02 -5.75
CA LYS B 193 -14.98 35.87 -5.15
C LYS B 193 -14.99 35.81 -3.63
N ARG B 194 -14.24 34.90 -3.02
CA ARG B 194 -14.27 34.71 -1.57
C ARG B 194 -12.91 34.82 -0.91
N PHE B 195 -11.86 35.16 -1.64
CA PHE B 195 -10.53 35.24 -1.03
C PHE B 195 -10.41 36.37 0.00
N PRO B 196 -11.23 37.42 -0.03
CA PRO B 196 -11.23 38.34 1.13
C PRO B 196 -11.60 37.67 2.44
N GLU B 197 -12.39 36.59 2.40
CA GLU B 197 -12.80 35.93 3.64
C GLU B 197 -11.63 35.24 4.32
N ILE B 198 -10.62 34.82 3.57
CA ILE B 198 -9.42 34.24 4.17
C ILE B 198 -8.61 35.31 4.87
N GLN B 199 -8.55 36.52 4.29
CA GLN B 199 -7.82 37.62 4.91
C GLN B 199 -8.43 38.02 6.24
N GLU B 200 -9.75 37.95 6.37
CA GLU B 200 -10.41 38.34 7.60
C GLU B 200 -10.31 37.29 8.69
N ALA B 201 -10.32 36.01 8.32
CA ALA B 201 -10.33 34.94 9.31
C ALA B 201 -8.95 34.63 9.86
N PHE B 202 -7.89 34.89 9.09
CA PHE B 202 -6.54 34.57 9.53
C PHE B 202 -5.62 35.77 9.64
N ASN B 203 -6.05 36.95 9.16
CA ASN B 203 -5.25 38.17 9.23
C ASN B 203 -3.89 37.98 8.57
N LEU B 204 -3.90 37.51 7.33
CA LEU B 204 -2.68 37.26 6.58
C LEU B 204 -2.87 37.68 5.12
N GLN B 205 -1.76 38.04 4.48
CA GLN B 205 -1.81 38.38 3.07
C GLN B 205 -2.20 37.17 2.24
N VAL B 206 -2.83 37.45 1.10
CA VAL B 206 -3.32 36.41 0.21
C VAL B 206 -2.76 36.63 -1.19
N MET B 207 -2.23 35.58 -1.79
CA MET B 207 -1.75 35.61 -3.17
C MET B 207 -2.75 34.95 -4.09
N ILE B 208 -2.86 35.48 -5.31
CA ILE B 208 -3.78 34.97 -6.32
C ILE B 208 -3.00 34.79 -7.62
N ALA B 209 -3.06 33.58 -8.18
CA ALA B 209 -2.36 33.24 -9.41
C ALA B 209 -3.35 32.60 -10.38
N VAL B 210 -3.75 33.34 -11.41
CA VAL B 210 -4.69 32.87 -12.41
C VAL B 210 -4.09 32.90 -13.81
N SER B 211 -2.81 33.22 -13.94
CA SER B 211 -2.20 33.46 -15.24
C SER B 211 -2.18 32.20 -16.08
N ARG B 212 -2.91 32.22 -17.19
CA ARG B 212 -2.86 31.18 -18.21
C ARG B 212 -3.31 29.82 -17.69
N LYS B 213 -4.22 29.81 -16.71
CA LYS B 213 -4.78 28.57 -16.20
C LYS B 213 -6.03 28.20 -17.00
N SER B 214 -6.09 26.94 -17.44
CA SER B 214 -7.07 26.52 -18.44
C SER B 214 -8.51 26.79 -18.03
N PHE B 215 -8.78 26.99 -16.75
CA PHE B 215 -10.15 27.26 -16.33
C PHE B 215 -10.66 28.59 -16.88
N LEU B 216 -9.77 29.53 -17.20
CA LEU B 216 -10.21 30.77 -17.83
C LEU B 216 -10.76 30.51 -19.24
N GLY B 217 -10.15 29.56 -19.96
CA GLY B 217 -10.63 29.24 -21.29
C GLY B 217 -11.98 28.56 -21.29
N LYS B 218 -12.28 27.81 -20.23
CA LYS B 218 -13.58 27.14 -20.13
C LYS B 218 -14.73 28.12 -19.96
N ILE B 219 -14.46 29.30 -19.41
CA ILE B 219 -15.50 30.33 -19.29
C ILE B 219 -15.63 31.14 -20.57
N THR B 220 -14.56 31.28 -21.35
CA THR B 220 -14.57 32.06 -22.58
C THR B 220 -14.63 31.23 -23.84
N GLY B 221 -14.31 29.93 -23.77
CA GLY B 221 -14.31 29.10 -24.96
C GLY B 221 -13.18 29.39 -25.92
N THR B 222 -12.05 29.93 -25.44
CA THR B 222 -10.93 30.30 -26.29
C THR B 222 -9.62 29.66 -25.85
N ASP B 223 -8.50 30.16 -26.33
CA ASP B 223 -7.19 29.75 -25.85
C ASP B 223 -6.81 30.56 -24.61
N VAL B 224 -6.01 29.95 -23.75
CA VAL B 224 -5.77 30.53 -22.43
C VAL B 224 -4.30 30.86 -22.23
N LYS B 225 -3.41 30.07 -22.85
CA LYS B 225 -1.98 30.26 -22.63
C LYS B 225 -1.36 31.33 -23.52
N SER B 226 -1.93 31.57 -24.71
CA SER B 226 -1.42 32.60 -25.60
C SER B 226 -2.23 33.88 -25.55
N ARG B 227 -3.48 33.82 -25.12
CA ARG B 227 -4.36 34.97 -25.08
C ARG B 227 -4.34 35.59 -23.68
N LEU B 228 -4.15 36.90 -23.62
CA LEU B 228 -4.03 37.62 -22.36
C LEU B 228 -5.35 38.22 -21.88
N ALA B 229 -6.37 38.27 -22.73
CA ALA B 229 -7.60 38.96 -22.36
C ALA B 229 -8.31 38.33 -21.16
N PRO B 230 -8.61 37.04 -21.13
CA PRO B 230 -9.24 36.49 -19.91
C PRO B 230 -8.30 36.47 -18.72
N THR B 231 -7.00 36.28 -18.96
CA THR B 231 -6.04 36.31 -17.86
C THR B 231 -5.94 37.70 -17.26
N LEU B 232 -5.87 38.74 -18.11
CA LEU B 232 -5.83 40.11 -17.60
C LEU B 232 -7.12 40.49 -16.92
N ALA B 233 -8.26 40.09 -17.48
CA ALA B 233 -9.55 40.45 -16.90
C ALA B 233 -9.70 39.89 -15.49
N ALA B 234 -9.33 38.62 -15.29
CA ALA B 234 -9.39 38.03 -13.96
C ALA B 234 -8.38 38.66 -13.01
N GLU B 235 -7.25 39.13 -13.53
CA GLU B 235 -6.22 39.71 -12.67
C GLU B 235 -6.67 41.05 -12.08
N MET B 236 -7.32 41.90 -12.89
CA MET B 236 -7.80 43.18 -12.39
C MET B 236 -8.93 43.03 -11.39
N TYR B 237 -9.64 41.89 -11.38
CA TYR B 237 -10.69 41.68 -10.40
C TYR B 237 -10.11 41.43 -9.01
N ALA B 238 -9.05 40.63 -8.93
CA ALA B 238 -8.44 40.35 -7.62
C ALA B 238 -7.80 41.60 -7.04
N TYR B 239 -7.24 42.47 -7.88
CA TYR B 239 -6.60 43.68 -7.37
C TYR B 239 -7.61 44.60 -6.70
N LYS B 240 -8.81 44.74 -7.29
CA LYS B 240 -9.82 45.62 -6.73
C LYS B 240 -10.36 45.07 -5.41
N LYS B 241 -10.57 43.75 -5.33
CA LYS B 241 -11.15 43.16 -4.14
C LYS B 241 -10.17 43.08 -2.97
N GLY B 242 -8.90 43.42 -3.18
CA GLY B 242 -7.96 43.52 -2.09
C GLY B 242 -6.92 42.41 -2.05
N ALA B 243 -6.43 41.99 -3.20
CA ALA B 243 -5.38 41.00 -3.23
C ALA B 243 -4.06 41.62 -2.79
N ASP B 244 -3.20 40.79 -2.20
CA ASP B 244 -1.90 41.26 -1.71
C ASP B 244 -0.76 40.97 -2.67
N TYR B 245 -0.81 39.85 -3.39
CA TYR B 245 0.23 39.52 -4.35
C TYR B 245 -0.43 38.96 -5.60
N LEU B 246 0.13 39.30 -6.75
CA LEU B 246 -0.34 38.82 -8.05
C LEU B 246 0.80 38.10 -8.74
N ARG B 247 0.59 36.82 -9.04
CA ARG B 247 1.57 36.01 -9.76
C ARG B 247 1.11 35.86 -11.20
N THR B 248 1.90 36.40 -12.13
CA THR B 248 1.51 36.42 -13.54
C THR B 248 2.74 36.24 -14.41
N HIS B 249 2.49 35.88 -15.67
CA HIS B 249 3.53 35.79 -16.68
C HIS B 249 3.73 37.11 -17.41
N ASP B 250 2.64 37.75 -17.83
CA ASP B 250 2.69 39.02 -18.55
C ASP B 250 2.56 40.17 -17.56
N VAL B 251 3.67 40.40 -16.83
CA VAL B 251 3.72 41.52 -15.88
C VAL B 251 3.65 42.85 -16.61
N LYS B 252 4.17 42.91 -17.84
CA LYS B 252 4.10 44.14 -18.63
C LYS B 252 2.65 44.54 -18.88
N SER B 253 1.79 43.57 -19.17
CA SER B 253 0.39 43.87 -19.44
C SER B 253 -0.36 44.25 -18.17
N LEU B 254 -0.09 43.54 -17.07
CA LEU B 254 -0.82 43.78 -15.83
C LEU B 254 -0.46 45.14 -15.24
N SER B 255 0.80 45.54 -15.34
CA SER B 255 1.23 46.82 -14.77
C SER B 255 0.51 47.99 -15.45
N ASP B 256 0.34 47.91 -16.77
CA ASP B 256 -0.37 48.97 -17.48
C ASP B 256 -1.84 49.01 -17.10
N ALA B 257 -2.43 47.85 -16.79
CA ALA B 257 -3.83 47.83 -16.38
C ALA B 257 -4.03 48.53 -15.04
N LEU B 258 -3.08 48.38 -14.12
CA LEU B 258 -3.18 49.07 -12.84
C LEU B 258 -2.90 50.56 -12.99
N LYS B 259 -2.05 50.93 -13.95
CA LYS B 259 -1.80 52.35 -14.20
C LYS B 259 -3.07 53.04 -14.69
N ILE B 260 -3.77 52.42 -15.65
CA ILE B 260 -5.01 53.00 -16.15
C ILE B 260 -6.09 52.97 -15.06
N SER B 261 -6.10 51.94 -14.22
CA SER B 261 -7.08 51.88 -13.14
C SER B 261 -6.84 52.98 -12.12
N LYS B 262 -5.57 53.25 -11.80
CA LYS B 262 -5.26 54.31 -10.85
C LYS B 262 -5.56 55.68 -11.45
N ALA B 263 -5.32 55.85 -12.75
CA ALA B 263 -5.60 57.12 -13.40
C ALA B 263 -7.08 57.45 -13.36
N LEU B 264 -7.93 56.45 -13.58
CA LEU B 264 -9.39 56.62 -13.50
C LEU B 264 -9.94 56.30 -12.12
N GLY B 265 -9.21 56.65 -11.07
CA GLY B 265 -9.65 56.38 -9.71
C GLY B 265 -10.09 57.62 -8.96
N GLN C 1 14.52 -17.33 8.12
CA GLN C 1 14.32 -16.23 7.18
C GLN C 1 15.04 -16.50 5.86
N GLY C 2 15.33 -17.77 5.61
CA GLY C 2 15.99 -18.16 4.37
C GLY C 2 15.00 -18.54 3.29
N MET C 3 15.38 -18.23 2.04
CA MET C 3 14.52 -18.53 0.90
C MET C 3 14.35 -20.04 0.74
N SER C 4 13.10 -20.48 0.72
CA SER C 4 12.77 -21.90 0.64
C SER C 4 12.47 -22.30 -0.80
N LYS C 5 13.00 -23.45 -1.19
CA LYS C 5 12.76 -24.01 -2.52
CA LYS C 5 12.77 -24.01 -2.53
C LYS C 5 11.45 -24.80 -2.52
N ILE C 6 10.54 -24.44 -3.41
CA ILE C 6 9.22 -25.04 -3.44
C ILE C 6 9.27 -26.39 -4.16
N PHE C 7 8.55 -27.36 -3.62
CA PHE C 7 8.39 -28.67 -4.23
C PHE C 7 6.96 -28.82 -4.71
N GLY C 8 6.78 -28.94 -6.04
CA GLY C 8 5.45 -29.04 -6.61
C GLY C 8 4.98 -30.48 -6.67
N ILE C 9 3.79 -30.72 -6.12
CA ILE C 9 3.22 -32.07 -6.07
C ILE C 9 2.43 -32.32 -7.35
N VAL C 10 2.83 -33.34 -8.10
CA VAL C 10 2.12 -33.77 -9.31
C VAL C 10 1.87 -35.27 -9.18
N ASN C 11 0.60 -35.65 -9.11
CA ASN C 11 0.24 -37.06 -9.06
C ASN C 11 -0.09 -37.51 -10.49
N ILE C 12 0.60 -38.56 -10.95
CA ILE C 12 0.51 -38.95 -12.34
C ILE C 12 -0.83 -39.63 -12.62
N THR C 13 -1.32 -40.43 -11.68
CA THR C 13 -2.49 -41.26 -11.93
C THR C 13 -3.78 -40.44 -11.90
N THR C 14 -4.01 -39.69 -10.82
CA THR C 14 -5.26 -38.94 -10.70
C THR C 14 -5.37 -37.82 -11.72
N ASP C 15 -4.25 -37.36 -12.27
CA ASP C 15 -4.30 -36.33 -13.31
C ASP C 15 -4.64 -36.93 -14.66
N SER C 16 -4.09 -38.10 -14.96
CA SER C 16 -4.34 -38.76 -16.23
C SER C 16 -5.73 -39.40 -16.25
N ASP C 25 -4.06 -39.22 -20.33
CA ASP C 25 -2.77 -39.92 -20.37
C ASP C 25 -1.68 -39.08 -19.70
N THR C 26 -0.43 -39.34 -20.11
CA THR C 26 0.72 -38.67 -19.51
C THR C 26 0.65 -37.15 -19.66
N ASP C 27 0.02 -36.67 -20.75
CA ASP C 27 0.06 -35.25 -21.07
C ASP C 27 -0.62 -34.39 -20.00
N LYS C 28 -1.68 -34.89 -19.36
CA LYS C 28 -2.35 -34.10 -18.34
C LYS C 28 -1.48 -33.90 -17.11
N ALA C 29 -0.60 -34.87 -16.81
CA ALA C 29 0.35 -34.69 -15.71
C ALA C 29 1.57 -33.89 -16.16
N ILE C 30 1.98 -34.04 -17.42
CA ILE C 30 3.08 -33.25 -17.95
C ILE C 30 2.73 -31.77 -17.90
N GLU C 31 1.56 -31.41 -18.43
CA GLU C 31 1.16 -30.01 -18.46
C GLU C 31 0.88 -29.47 -17.06
N HIS C 32 0.48 -30.35 -16.14
CA HIS C 32 0.38 -29.95 -14.74
C HIS C 32 1.76 -29.72 -14.13
N ALA C 33 2.78 -30.39 -14.66
CA ALA C 33 4.13 -30.25 -14.13
C ALA C 33 4.83 -29.00 -14.64
N LEU C 34 4.47 -28.52 -15.83
CA LEU C 34 5.05 -27.28 -16.34
C LEU C 34 4.28 -26.05 -15.89
N HIS C 35 2.97 -26.16 -15.66
CA HIS C 35 2.23 -25.03 -15.09
C HIS C 35 2.72 -24.70 -13.69
N LEU C 36 3.14 -25.70 -12.92
CA LEU C 36 3.68 -25.44 -11.59
C LEU C 36 5.07 -24.81 -11.69
N VAL C 37 5.89 -25.27 -12.64
CA VAL C 37 7.19 -24.64 -12.87
C VAL C 37 7.00 -23.20 -13.31
N GLU C 38 6.00 -22.95 -14.18
CA GLU C 38 5.64 -21.59 -14.58
C GLU C 38 5.03 -20.80 -13.43
N ASP C 39 4.82 -21.41 -12.26
CA ASP C 39 4.21 -20.73 -11.13
C ASP C 39 5.20 -20.45 -10.01
N GLY C 40 6.44 -20.94 -10.10
CA GLY C 40 7.44 -20.64 -9.09
C GLY C 40 8.01 -21.86 -8.39
N ALA C 41 7.74 -23.05 -8.92
CA ALA C 41 8.23 -24.27 -8.29
C ALA C 41 9.65 -24.56 -8.75
N ASP C 42 10.51 -24.92 -7.80
CA ASP C 42 11.89 -25.26 -8.12
C ASP C 42 12.06 -26.74 -8.47
N VAL C 43 11.31 -27.62 -7.80
CA VAL C 43 11.38 -29.06 -8.02
C VAL C 43 9.97 -29.61 -8.10
N ILE C 44 9.76 -30.54 -9.03
CA ILE C 44 8.46 -31.21 -9.19
C ILE C 44 8.54 -32.56 -8.51
N ASP C 45 7.69 -32.77 -7.51
CA ASP C 45 7.63 -34.04 -6.77
C ASP C 45 6.65 -34.95 -7.51
N LEU C 46 7.19 -35.93 -8.23
CA LEU C 46 6.39 -36.83 -9.04
C LEU C 46 5.88 -38.00 -8.20
N GLY C 47 4.57 -38.20 -8.21
CA GLY C 47 3.96 -39.34 -7.56
C GLY C 47 3.04 -40.06 -8.52
N ALA C 48 3.10 -41.39 -8.49
CA ALA C 48 2.29 -42.24 -9.37
C ALA C 48 1.91 -43.50 -8.59
N ALA C 49 0.87 -43.39 -7.78
CA ALA C 49 0.44 -44.49 -6.92
C ALA C 49 -1.03 -44.80 -7.14
N SER C 50 -1.36 -46.08 -7.12
CA SER C 50 -2.75 -46.53 -7.20
C SER C 50 -2.99 -47.48 -6.03
N SER C 51 -3.99 -48.34 -6.16
CA SER C 51 -4.25 -49.37 -5.16
C SER C 51 -3.57 -50.70 -5.49
N ASN C 52 -3.21 -51.43 -4.43
CA ASN C 52 -2.51 -52.70 -4.56
C ASN C 52 -1.20 -52.54 -5.34
N GLY C 59 3.31 -54.26 -7.48
CA GLY C 59 3.03 -53.28 -8.52
C GLY C 59 4.20 -52.36 -8.80
N VAL C 60 5.34 -52.95 -9.18
CA VAL C 60 6.53 -52.17 -9.49
C VAL C 60 6.54 -51.72 -10.93
N VAL C 61 6.21 -52.63 -11.86
CA VAL C 61 6.21 -52.28 -13.29
C VAL C 61 5.12 -51.26 -13.58
N GLU C 62 3.98 -51.36 -12.90
CA GLU C 62 2.91 -50.40 -13.09
C GLU C 62 3.33 -49.00 -12.64
N GLU C 63 4.12 -48.92 -11.56
CA GLU C 63 4.60 -47.63 -11.09
C GLU C 63 5.63 -47.04 -12.03
N ILE C 64 6.60 -47.85 -12.46
CA ILE C 64 7.68 -47.35 -13.30
C ILE C 64 7.14 -46.95 -14.68
N LYS C 65 6.18 -47.72 -15.21
CA LYS C 65 5.65 -47.44 -16.54
C LYS C 65 5.05 -46.05 -16.63
N ARG C 66 4.48 -45.55 -15.53
CA ARG C 66 3.92 -44.20 -15.52
C ARG C 66 4.97 -43.12 -15.29
N LEU C 67 6.20 -43.49 -14.90
CA LEU C 67 7.23 -42.52 -14.61
C LEU C 67 8.07 -42.16 -15.84
N LYS C 68 8.51 -43.17 -16.59
CA LYS C 68 9.41 -42.95 -17.73
C LYS C 68 8.98 -41.84 -18.67
N PRO C 69 7.71 -41.75 -19.12
CA PRO C 69 7.35 -40.64 -20.02
C PRO C 69 7.43 -39.29 -19.35
N VAL C 70 7.09 -39.17 -18.06
CA VAL C 70 7.09 -37.87 -17.40
C VAL C 70 8.50 -37.50 -16.96
N ILE C 71 9.30 -38.48 -16.55
CA ILE C 71 10.66 -38.19 -16.07
C ILE C 71 11.47 -37.53 -17.17
N LYS C 72 11.67 -38.24 -18.29
CA LYS C 72 12.53 -37.72 -19.35
C LYS C 72 11.93 -36.52 -20.06
N ALA C 73 10.61 -36.32 -19.99
CA ALA C 73 10.02 -35.12 -20.57
C ALA C 73 10.39 -33.88 -19.79
N LEU C 74 10.43 -33.98 -18.45
CA LEU C 74 10.87 -32.85 -17.64
C LEU C 74 12.38 -32.65 -17.75
N LYS C 75 13.14 -33.74 -17.91
CA LYS C 75 14.58 -33.60 -18.11
C LYS C 75 14.93 -32.99 -19.46
N GLU C 76 14.03 -33.11 -20.44
CA GLU C 76 14.24 -32.44 -21.73
C GLU C 76 14.10 -30.94 -21.64
N LYS C 77 13.59 -30.42 -20.51
CA LYS C 77 13.45 -28.98 -20.30
C LYS C 77 14.26 -28.49 -19.10
N GLY C 78 15.16 -29.31 -18.57
CA GLY C 78 15.99 -28.90 -17.45
C GLY C 78 15.23 -28.68 -16.16
N ILE C 79 14.24 -29.52 -15.86
CA ILE C 79 13.40 -29.38 -14.68
C ILE C 79 13.88 -30.36 -13.62
N SER C 80 14.21 -29.85 -12.43
CA SER C 80 14.62 -30.71 -11.34
C SER C 80 13.45 -31.58 -10.89
N ILE C 81 13.67 -32.87 -10.85
CA ILE C 81 12.62 -33.81 -10.48
C ILE C 81 12.81 -34.58 -9.16
N SER C 82 11.77 -34.57 -8.36
CA SER C 82 11.67 -35.40 -7.18
C SER C 82 10.66 -36.51 -7.43
N VAL C 83 10.94 -37.70 -6.92
CA VAL C 83 10.08 -38.85 -7.10
C VAL C 83 9.74 -39.43 -5.73
N ASP C 84 8.45 -39.58 -5.46
CA ASP C 84 7.96 -40.10 -4.19
C ASP C 84 7.73 -41.60 -4.33
N THR C 85 8.69 -42.39 -3.86
CA THR C 85 8.57 -43.84 -3.90
C THR C 85 9.30 -44.44 -2.70
N PHE C 86 8.73 -45.50 -2.15
CA PHE C 86 9.34 -46.20 -1.02
C PHE C 86 9.80 -47.60 -1.37
N LYS C 87 9.64 -48.03 -2.63
CA LYS C 87 10.05 -49.36 -3.04
C LYS C 87 11.44 -49.33 -3.64
N PRO C 88 12.35 -50.20 -3.19
CA PRO C 88 13.74 -50.13 -3.70
C PRO C 88 13.86 -50.38 -5.19
N GLU C 89 13.06 -51.29 -5.74
CA GLU C 89 13.12 -51.53 -7.19
C GLU C 89 12.69 -50.30 -7.97
N VAL C 90 11.65 -49.61 -7.51
CA VAL C 90 11.28 -48.34 -8.13
C VAL C 90 12.34 -47.29 -7.83
N GLN C 91 13.01 -47.39 -6.67
CA GLN C 91 14.04 -46.41 -6.33
C GLN C 91 15.29 -46.61 -7.18
N SER C 92 15.74 -47.86 -7.35
CA SER C 92 16.90 -48.12 -8.19
C SER C 92 16.67 -47.68 -9.63
N PHE C 93 15.42 -47.71 -10.09
CA PHE C 93 15.08 -47.14 -11.39
C PHE C 93 15.38 -45.63 -11.40
N CYS C 94 14.96 -44.92 -10.35
CA CYS C 94 15.24 -43.50 -10.24
C CYS C 94 16.71 -43.22 -10.02
N ILE C 95 17.48 -44.23 -9.58
CA ILE C 95 18.92 -44.04 -9.38
C ILE C 95 19.62 -43.82 -10.71
N GLU C 96 19.29 -44.62 -11.72
CA GLU C 96 19.95 -44.54 -13.01
C GLU C 96 19.27 -43.59 -13.98
N GLN C 97 17.99 -43.29 -13.77
CA GLN C 97 17.36 -42.20 -14.53
C GLN C 97 17.95 -40.85 -14.15
N LYS C 98 18.64 -40.78 -13.02
CA LYS C 98 19.36 -39.58 -12.58
C LYS C 98 18.40 -38.41 -12.32
N VAL C 99 17.30 -38.72 -11.63
CA VAL C 99 16.47 -37.64 -11.10
C VAL C 99 17.24 -36.90 -10.01
N ASP C 100 16.85 -35.64 -9.79
CA ASP C 100 17.58 -34.81 -8.83
C ASP C 100 17.22 -35.12 -7.38
N PHE C 101 16.05 -35.68 -7.13
CA PHE C 101 15.62 -35.99 -5.78
C PHE C 101 14.84 -37.29 -5.77
N ILE C 102 14.80 -37.93 -4.60
CA ILE C 102 14.08 -39.19 -4.43
C ILE C 102 13.47 -39.20 -3.03
N ASN C 103 12.17 -38.96 -2.95
CA ASN C 103 11.47 -38.79 -1.68
C ASN C 103 10.97 -40.15 -1.18
N ASP C 104 11.40 -40.54 0.01
CA ASP C 104 11.02 -41.80 0.62
C ASP C 104 10.36 -41.52 1.96
N ILE C 105 9.05 -41.78 2.05
CA ILE C 105 8.33 -41.60 3.31
C ILE C 105 8.67 -42.65 4.34
N GLN C 106 9.47 -43.65 3.97
CA GLN C 106 9.92 -44.68 4.90
C GLN C 106 11.34 -44.46 5.39
N GLY C 107 12.13 -43.65 4.69
CA GLY C 107 13.47 -43.32 5.15
C GLY C 107 14.54 -44.34 4.82
N PHE C 108 14.39 -45.05 3.69
CA PHE C 108 15.34 -46.06 3.25
C PHE C 108 15.60 -47.10 4.33
N PRO C 109 14.61 -47.92 4.70
CA PRO C 109 14.82 -48.91 5.76
C PRO C 109 15.47 -50.20 5.28
N TYR C 110 15.63 -50.39 3.96
CA TYR C 110 16.15 -51.63 3.42
C TYR C 110 17.61 -51.44 3.04
N PRO C 111 18.55 -52.10 3.72
CA PRO C 111 19.97 -51.91 3.41
C PRO C 111 20.43 -52.52 2.10
N GLU C 112 19.52 -53.12 1.32
CA GLU C 112 19.92 -53.72 0.05
C GLU C 112 20.40 -52.67 -0.93
N ILE C 113 19.71 -51.54 -0.99
CA ILE C 113 19.98 -50.51 -2.01
C ILE C 113 20.89 -49.44 -1.43
N TYR C 114 21.45 -49.69 -0.23
CA TYR C 114 22.30 -48.70 0.42
C TYR C 114 23.52 -48.37 -0.43
N SER C 115 24.27 -49.40 -0.84
CA SER C 115 25.39 -49.18 -1.74
C SER C 115 24.93 -48.70 -3.10
N GLY C 116 23.71 -49.07 -3.51
CA GLY C 116 23.16 -48.55 -4.76
C GLY C 116 22.89 -47.06 -4.71
N LEU C 117 22.55 -46.53 -3.53
CA LEU C 117 22.36 -45.10 -3.37
C LEU C 117 23.67 -44.35 -3.21
N ALA C 118 24.78 -45.05 -2.95
CA ALA C 118 26.07 -44.39 -2.84
C ALA C 118 26.69 -44.13 -4.20
N LYS C 119 26.46 -45.02 -5.18
CA LYS C 119 27.00 -44.81 -6.52
C LYS C 119 26.27 -43.70 -7.25
N SER C 120 25.08 -43.32 -6.80
CA SER C 120 24.33 -42.25 -7.41
C SER C 120 24.71 -40.90 -6.80
N ASP C 121 24.09 -39.83 -7.30
CA ASP C 121 24.31 -38.49 -6.77
C ASP C 121 23.01 -37.77 -6.44
N CYS C 122 21.86 -38.39 -6.66
CA CYS C 122 20.59 -37.77 -6.31
C CYS C 122 20.50 -37.57 -4.80
N LYS C 123 20.05 -36.39 -4.39
CA LYS C 123 19.92 -36.10 -2.97
C LYS C 123 18.79 -36.92 -2.38
N LEU C 124 19.04 -37.49 -1.20
CA LEU C 124 18.09 -38.34 -0.51
C LEU C 124 17.31 -37.52 0.51
N VAL C 125 16.01 -37.81 0.61
CA VAL C 125 15.14 -37.17 1.59
C VAL C 125 14.72 -38.22 2.61
N LEU C 126 15.12 -38.00 3.86
CA LEU C 126 14.90 -38.96 4.95
C LEU C 126 13.70 -38.49 5.77
N MET C 127 12.57 -39.16 5.60
CA MET C 127 11.35 -38.81 6.32
C MET C 127 11.12 -39.78 7.47
N HIS C 128 10.61 -39.26 8.59
CA HIS C 128 10.33 -40.05 9.78
C HIS C 128 8.82 -40.07 10.04
N SER C 129 8.33 -41.21 10.52
CA SER C 129 6.92 -41.37 10.82
C SER C 129 6.76 -42.28 12.03
N VAL C 130 5.56 -42.25 12.62
CA VAL C 130 5.27 -43.02 13.82
C VAL C 130 3.84 -43.53 13.79
N GLN C 131 3.57 -44.51 12.93
CA GLN C 131 2.23 -45.09 12.82
C GLN C 131 1.85 -45.85 14.10
N VAL C 139 0.47 -47.12 19.37
CA VAL C 139 -0.35 -45.96 19.09
C VAL C 139 -0.69 -45.23 20.39
N GLU C 140 0.22 -44.34 20.80
CA GLU C 140 0.00 -43.46 21.94
C GLU C 140 1.05 -42.37 21.86
N THR C 141 0.61 -41.12 21.83
CA THR C 141 1.49 -40.01 21.45
C THR C 141 1.63 -39.03 22.62
N ASN C 142 2.68 -39.22 23.41
CA ASN C 142 3.20 -38.14 24.23
C ASN C 142 4.06 -37.31 23.28
N PRO C 143 3.62 -36.10 22.91
CA PRO C 143 4.20 -35.42 21.74
C PRO C 143 5.70 -35.19 21.82
N GLU C 144 6.26 -35.04 23.02
CA GLU C 144 7.70 -34.84 23.12
C GLU C 144 8.48 -36.15 23.03
N GLU C 145 7.90 -37.25 23.51
CA GLU C 145 8.55 -38.55 23.36
C GLU C 145 8.67 -38.92 21.89
N VAL C 146 7.73 -38.48 21.06
CA VAL C 146 7.85 -38.69 19.62
C VAL C 146 9.01 -37.87 19.06
N PHE C 147 9.23 -36.67 19.61
CA PHE C 147 10.32 -35.84 19.13
C PHE C 147 11.67 -36.43 19.49
N THR C 148 11.82 -36.94 20.72
CA THR C 148 13.10 -37.50 21.14
C THR C 148 13.45 -38.73 20.32
N SER C 149 12.50 -39.66 20.16
CA SER C 149 12.75 -40.83 19.32
C SER C 149 13.00 -40.44 17.88
N MET C 150 12.46 -39.31 17.44
CA MET C 150 12.74 -38.81 16.09
C MET C 150 14.19 -38.35 15.98
N MET C 151 14.70 -37.72 17.03
CA MET C 151 16.11 -37.31 17.04
C MET C 151 17.03 -38.52 16.97
N GLU C 152 16.67 -39.60 17.68
CA GLU C 152 17.48 -40.81 17.66
C GLU C 152 17.34 -41.56 16.33
N PHE C 153 16.16 -41.50 15.70
CA PHE C 153 15.97 -42.14 14.41
C PHE C 153 16.87 -41.50 13.36
N PHE C 154 16.93 -40.17 13.34
CA PHE C 154 17.81 -39.49 12.40
C PHE C 154 19.27 -39.83 12.66
N LYS C 155 19.65 -39.93 13.94
CA LYS C 155 21.05 -40.18 14.28
C LYS C 155 21.51 -41.57 13.83
N GLU C 156 20.62 -42.57 13.89
CA GLU C 156 21.01 -43.92 13.51
C GLU C 156 20.93 -44.13 12.01
N ARG C 157 19.94 -43.52 11.34
CA ARG C 157 19.76 -43.75 9.91
C ARG C 157 20.75 -42.95 9.08
N ILE C 158 21.10 -41.73 9.53
CA ILE C 158 22.08 -40.94 8.81
C ILE C 158 23.45 -41.59 8.87
N ALA C 159 23.83 -42.11 10.04
CA ALA C 159 25.14 -42.73 10.19
C ALA C 159 25.26 -43.96 9.30
N ALA C 160 24.28 -44.86 9.35
CA ALA C 160 24.33 -46.07 8.54
C ALA C 160 24.36 -45.73 7.05
N LEU C 161 23.66 -44.66 6.66
CA LEU C 161 23.73 -44.21 5.27
C LEU C 161 25.12 -43.68 4.94
N VAL C 162 25.76 -43.00 5.89
CA VAL C 162 27.11 -42.52 5.67
C VAL C 162 28.10 -43.67 5.62
N GLU C 163 27.92 -44.67 6.51
CA GLU C 163 28.80 -45.84 6.50
C GLU C 163 28.70 -46.60 5.19
N ALA C 164 27.54 -46.56 4.53
CA ALA C 164 27.36 -47.25 3.27
C ALA C 164 27.95 -46.51 2.08
N GLY C 165 28.44 -45.28 2.27
CA GLY C 165 29.04 -44.50 1.21
C GLY C 165 28.28 -43.24 0.83
N VAL C 166 27.03 -43.08 1.24
CA VAL C 166 26.27 -41.89 0.90
C VAL C 166 26.86 -40.68 1.63
N LYS C 167 27.16 -39.62 0.88
CA LYS C 167 27.70 -38.42 1.49
C LYS C 167 26.64 -37.75 2.34
N ARG C 168 27.07 -37.19 3.48
CA ARG C 168 26.13 -36.55 4.40
C ARG C 168 25.49 -35.32 3.77
N GLU C 169 26.17 -34.69 2.81
CA GLU C 169 25.63 -33.51 2.14
C GLU C 169 24.50 -33.83 1.18
N ARG C 170 24.10 -35.10 1.07
CA ARG C 170 23.04 -35.52 0.16
C ARG C 170 21.73 -35.83 0.88
N ILE C 171 21.71 -35.82 2.21
CA ILE C 171 20.54 -36.20 2.98
C ILE C 171 19.74 -34.95 3.34
N ILE C 172 18.43 -35.02 3.17
CA ILE C 172 17.51 -33.98 3.59
C ILE C 172 16.49 -34.61 4.53
N LEU C 173 16.31 -34.01 5.70
CA LEU C 173 15.46 -34.59 6.73
C LEU C 173 14.05 -34.02 6.65
N ASP C 174 13.07 -34.92 6.76
CA ASP C 174 11.66 -34.54 6.82
C ASP C 174 11.08 -35.12 8.11
N PRO C 175 10.68 -34.27 9.06
CA PRO C 175 10.20 -34.79 10.35
C PRO C 175 8.80 -35.39 10.32
N GLY C 176 8.16 -35.47 9.15
CA GLY C 176 6.82 -36.00 9.07
C GLY C 176 5.77 -35.01 9.55
N MET C 177 4.53 -35.17 9.13
CA MET C 177 3.48 -34.22 9.47
C MET C 177 2.13 -34.87 9.27
N GLY C 178 1.13 -34.36 10.00
CA GLY C 178 -0.23 -34.84 9.82
C GLY C 178 -0.39 -36.25 10.34
N PHE C 179 -1.00 -37.11 9.52
CA PHE C 179 -1.24 -38.49 9.93
C PHE C 179 0.05 -39.28 10.08
N PHE C 180 1.17 -38.80 9.51
CA PHE C 180 2.45 -39.46 9.70
C PHE C 180 3.02 -39.25 11.09
N LEU C 181 2.42 -38.37 11.89
CA LEU C 181 2.83 -38.14 13.27
C LEU C 181 1.81 -38.64 14.27
N GLY C 182 0.70 -39.20 13.81
CA GLY C 182 -0.37 -39.65 14.68
C GLY C 182 -1.62 -38.79 14.52
N SER C 183 -2.72 -39.30 15.05
CA SER C 183 -4.00 -38.59 14.97
C SER C 183 -4.04 -37.37 15.88
N ASN C 184 -3.04 -37.16 16.71
CA ASN C 184 -3.03 -36.03 17.62
C ASN C 184 -2.53 -34.78 16.90
N PRO C 185 -3.35 -33.73 16.79
CA PRO C 185 -2.86 -32.48 16.18
C PRO C 185 -1.75 -31.83 16.96
N GLU C 186 -1.66 -32.07 18.28
CA GLU C 186 -0.61 -31.46 19.09
C GLU C 186 0.77 -31.93 18.66
N THR C 187 0.88 -33.14 18.14
CA THR C 187 2.17 -33.65 17.69
C THR C 187 2.70 -32.86 16.51
N SER C 188 1.83 -32.56 15.54
CA SER C 188 2.26 -31.78 14.38
C SER C 188 2.58 -30.34 14.75
N ILE C 189 1.87 -29.78 15.72
CA ILE C 189 2.18 -28.42 16.17
C ILE C 189 3.55 -28.37 16.83
N LEU C 190 3.87 -29.37 17.66
CA LEU C 190 5.15 -29.38 18.35
C LEU C 190 6.30 -29.44 17.36
N VAL C 191 6.19 -30.28 16.33
CA VAL C 191 7.28 -30.41 15.36
C VAL C 191 7.40 -29.15 14.51
N LEU C 192 6.29 -28.47 14.24
CA LEU C 192 6.37 -27.23 13.46
C LEU C 192 7.07 -26.13 14.23
N LYS C 193 7.04 -26.18 15.57
CA LYS C 193 7.70 -25.17 16.39
C LYS C 193 9.15 -25.52 16.69
N ARG C 194 9.55 -26.77 16.52
CA ARG C 194 10.84 -27.25 17.00
C ARG C 194 11.70 -27.86 15.90
N PHE C 195 11.33 -27.71 14.63
CA PHE C 195 12.13 -28.28 13.56
C PHE C 195 13.45 -27.53 13.34
N PRO C 196 13.61 -26.27 13.75
CA PRO C 196 14.97 -25.69 13.75
C PRO C 196 15.96 -26.48 14.60
N GLU C 197 15.49 -27.19 15.62
CA GLU C 197 16.41 -27.98 16.44
C GLU C 197 17.01 -29.13 15.64
N ILE C 198 16.23 -29.72 14.73
CA ILE C 198 16.77 -30.72 13.82
C ILE C 198 17.80 -30.11 12.89
N GLN C 199 17.61 -28.83 12.54
CA GLN C 199 18.52 -28.18 11.61
C GLN C 199 19.92 -28.02 12.21
N GLU C 200 19.98 -27.59 13.46
CA GLU C 200 21.27 -27.33 14.09
C GLU C 200 21.88 -28.56 14.75
N ALA C 201 21.08 -29.58 15.05
CA ALA C 201 21.63 -30.77 15.68
C ALA C 201 22.45 -31.59 14.68
N PHE C 202 22.03 -31.63 13.42
CA PHE C 202 22.74 -32.37 12.39
C PHE C 202 23.37 -31.48 11.33
N ASN C 203 23.10 -30.19 11.33
CA ASN C 203 23.63 -29.25 10.33
C ASN C 203 23.29 -29.71 8.92
N LEU C 204 21.99 -29.85 8.67
CA LEU C 204 21.51 -30.36 7.39
C LEU C 204 20.17 -29.71 7.07
N GLN C 205 19.78 -29.78 5.79
CA GLN C 205 18.55 -29.17 5.34
C GLN C 205 17.34 -29.96 5.81
N VAL C 206 16.19 -29.28 5.86
CA VAL C 206 14.95 -29.85 6.37
C VAL C 206 13.80 -29.38 5.52
N MET C 207 12.93 -30.30 5.12
CA MET C 207 11.72 -29.99 4.35
C MET C 207 10.49 -30.20 5.22
N ILE C 208 9.50 -29.32 5.05
CA ILE C 208 8.23 -29.40 5.77
C ILE C 208 7.11 -29.53 4.74
N ALA C 209 6.21 -30.48 4.98
CA ALA C 209 5.08 -30.74 4.08
C ALA C 209 3.78 -30.64 4.89
N VAL C 210 3.07 -29.53 4.73
CA VAL C 210 1.85 -29.28 5.47
C VAL C 210 0.62 -29.21 4.56
N SER C 211 0.80 -29.14 3.24
CA SER C 211 -0.25 -28.84 2.29
C SER C 211 -1.50 -29.70 2.45
N ARG C 212 -2.62 -29.08 2.82
CA ARG C 212 -3.94 -29.71 2.88
C ARG C 212 -3.99 -30.91 3.81
N LYS C 213 -3.11 -30.98 4.80
CA LYS C 213 -3.12 -32.10 5.73
C LYS C 213 -4.27 -31.94 6.73
N SER C 214 -4.80 -33.09 7.17
CA SER C 214 -6.06 -33.08 7.91
C SER C 214 -5.97 -32.35 9.24
N PHE C 215 -4.79 -32.36 9.87
CA PHE C 215 -4.66 -31.75 11.19
C PHE C 215 -4.85 -30.23 11.16
N LEU C 216 -4.79 -29.62 9.98
CA LEU C 216 -5.06 -28.18 9.89
C LEU C 216 -6.54 -27.88 10.08
N GLY C 217 -7.42 -28.83 9.76
CA GLY C 217 -8.84 -28.62 9.99
C GLY C 217 -9.26 -28.77 11.44
N LYS C 218 -8.55 -29.61 12.20
CA LYS C 218 -8.85 -29.78 13.61
C LYS C 218 -8.51 -28.55 14.44
N ILE C 219 -7.75 -27.62 13.88
CA ILE C 219 -7.41 -26.37 14.56
C ILE C 219 -8.37 -25.24 14.20
N THR C 220 -8.78 -25.19 12.94
CA THR C 220 -9.66 -24.13 12.46
C THR C 220 -11.12 -24.54 12.34
N GLY C 221 -11.40 -25.84 12.27
CA GLY C 221 -12.77 -26.29 12.05
C GLY C 221 -13.27 -26.02 10.65
N THR C 222 -12.45 -26.27 9.63
CA THR C 222 -12.77 -25.97 8.25
C THR C 222 -12.67 -27.24 7.40
N ASP C 223 -13.11 -27.13 6.15
CA ASP C 223 -13.08 -28.24 5.21
C ASP C 223 -11.70 -28.30 4.58
N VAL C 224 -10.83 -29.16 5.12
CA VAL C 224 -9.46 -29.30 4.62
C VAL C 224 -9.49 -29.90 3.22
N LYS C 225 -8.34 -29.85 2.54
CA LYS C 225 -8.18 -30.28 1.15
C LYS C 225 -8.93 -29.35 0.19
N SER C 226 -9.72 -28.43 0.73
CA SER C 226 -10.41 -27.43 -0.07
C SER C 226 -10.15 -26.00 0.37
N ARG C 227 -9.62 -25.78 1.57
CA ARG C 227 -9.31 -24.45 2.08
C ARG C 227 -7.81 -24.23 2.03
N LEU C 228 -7.39 -23.21 1.29
CA LEU C 228 -5.97 -22.93 1.11
C LEU C 228 -5.39 -22.10 2.25
N ALA C 229 -6.22 -21.36 2.98
CA ALA C 229 -5.68 -20.39 3.92
C ALA C 229 -5.07 -21.05 5.15
N PRO C 230 -5.75 -21.97 5.85
CA PRO C 230 -5.05 -22.74 6.89
C PRO C 230 -3.74 -23.32 6.42
N THR C 231 -3.71 -23.83 5.18
CA THR C 231 -2.48 -24.37 4.63
C THR C 231 -1.44 -23.28 4.45
N LEU C 232 -1.83 -22.15 3.84
CA LEU C 232 -0.88 -21.09 3.54
C LEU C 232 -0.26 -20.53 4.81
N ALA C 233 -1.05 -20.43 5.89
CA ALA C 233 -0.53 -19.85 7.13
C ALA C 233 0.60 -20.70 7.71
N ALA C 234 0.51 -22.01 7.57
CA ALA C 234 1.53 -22.90 8.11
C ALA C 234 2.78 -22.95 7.24
N GLU C 235 2.67 -22.67 5.94
CA GLU C 235 3.84 -22.67 5.08
C GLU C 235 4.65 -21.39 5.23
N MET C 236 4.00 -20.26 5.46
CA MET C 236 4.74 -19.03 5.75
C MET C 236 5.45 -19.14 7.09
N TYR C 237 4.78 -19.72 8.09
CA TYR C 237 5.40 -19.95 9.40
C TYR C 237 6.65 -20.80 9.27
N ALA C 238 6.59 -21.85 8.45
CA ALA C 238 7.77 -22.70 8.24
C ALA C 238 8.86 -21.94 7.51
N TYR C 239 8.49 -21.11 6.54
CA TYR C 239 9.48 -20.32 5.81
C TYR C 239 10.18 -19.33 6.73
N LYS C 240 9.42 -18.66 7.60
CA LYS C 240 9.98 -17.65 8.50
C LYS C 240 10.88 -18.26 9.57
N LYS C 241 10.83 -19.57 9.78
CA LYS C 241 11.68 -20.23 10.77
C LYS C 241 12.87 -20.95 10.14
N GLY C 242 13.04 -20.84 8.83
CA GLY C 242 14.22 -21.38 8.18
C GLY C 242 14.06 -22.72 7.48
N ALA C 243 12.85 -23.10 7.09
CA ALA C 243 12.67 -24.34 6.35
C ALA C 243 13.33 -24.23 4.98
N ASP C 244 14.16 -25.22 4.64
CA ASP C 244 14.92 -25.16 3.40
C ASP C 244 14.04 -25.51 2.19
N TYR C 245 13.14 -26.47 2.35
CA TYR C 245 12.24 -26.89 1.28
C TYR C 245 10.81 -26.93 1.81
N LEU C 246 9.86 -26.69 0.90
CA LEU C 246 8.44 -26.75 1.22
C LEU C 246 7.73 -27.58 0.15
N ARG C 247 6.85 -28.47 0.58
CA ARG C 247 6.11 -29.36 -0.30
C ARG C 247 4.63 -28.98 -0.24
N THR C 248 4.09 -28.54 -1.37
CA THR C 248 2.73 -28.01 -1.40
C THR C 248 2.04 -28.42 -2.69
N HIS C 249 0.72 -28.22 -2.72
CA HIS C 249 -0.08 -28.41 -3.93
C HIS C 249 -0.19 -27.08 -4.68
N ASP C 250 -0.88 -26.11 -4.09
CA ASP C 250 -1.00 -24.77 -4.66
C ASP C 250 0.37 -24.10 -4.60
N VAL C 251 1.08 -24.08 -5.72
CA VAL C 251 2.43 -23.54 -5.77
C VAL C 251 2.41 -22.03 -6.01
N LYS C 252 1.60 -21.57 -6.96
CA LYS C 252 1.52 -20.14 -7.24
C LYS C 252 1.01 -19.37 -6.03
N SER C 253 0.19 -20.00 -5.18
CA SER C 253 -0.24 -19.34 -3.95
C SER C 253 0.91 -19.22 -2.96
N LEU C 254 1.71 -20.28 -2.82
CA LEU C 254 2.87 -20.21 -1.92
C LEU C 254 3.95 -19.32 -2.49
N SER C 255 4.17 -19.37 -3.81
CA SER C 255 5.19 -18.54 -4.43
C SER C 255 4.91 -17.05 -4.21
N ASP C 256 3.63 -16.66 -4.30
CA ASP C 256 3.28 -15.27 -4.04
C ASP C 256 3.27 -14.95 -2.55
N ALA C 257 2.94 -15.94 -1.70
CA ALA C 257 3.04 -15.72 -0.26
C ALA C 257 4.49 -15.52 0.16
N LEU C 258 5.41 -16.22 -0.50
CA LEU C 258 6.83 -16.10 -0.15
C LEU C 258 7.44 -14.83 -0.72
N LYS C 259 6.92 -14.33 -1.85
CA LYS C 259 7.40 -13.05 -2.38
C LYS C 259 6.99 -11.90 -1.49
N ILE C 260 5.74 -11.90 -1.02
CA ILE C 260 5.26 -10.85 -0.13
C ILE C 260 5.98 -10.91 1.21
N SER C 261 6.20 -12.13 1.72
CA SER C 261 6.80 -12.27 3.05
C SER C 261 8.24 -11.79 3.06
N LYS C 262 9.00 -12.04 1.99
CA LYS C 262 10.40 -11.64 1.97
C LYS C 262 10.55 -10.15 1.80
N ALA C 263 9.82 -9.56 0.84
CA ALA C 263 9.92 -8.13 0.59
C ALA C 263 9.40 -7.30 1.76
N LEU C 264 8.53 -7.86 2.59
CA LEU C 264 7.96 -7.15 3.73
C LEU C 264 8.87 -7.17 4.95
N GLY C 265 10.17 -7.43 4.77
CA GLY C 265 11.09 -7.46 5.88
C GLY C 265 11.39 -8.87 6.39
#